data_5O8L
#
_entry.id   5O8L
#
_cell.length_a   183.625
_cell.length_b   183.625
_cell.length_c   146.804
_cell.angle_alpha   90.00
_cell.angle_beta   90.00
_cell.angle_gamma   120.00
#
_symmetry.space_group_name_H-M   'P 31 2 1'
#
loop_
_entity.id
_entity.type
_entity.pdbx_description
1 polymer Alternansucrase
2 branched beta-D-fructofuranose-(2-1)-alpha-D-glucopyranose
3 non-polymer 'CALCIUM ION'
#
_entity_poly.entity_id   1
_entity_poly.type   'polypeptide(L)'
_entity_poly.pdbx_seq_one_letter_code
;FEKAPDSVPETITGGRYSLKDGYYVYLDKQGKQVVGPKNIDNHLQYFDETTGKQVKGDFRSVNGKRIYFNANLGYADDYT
TDVAGKLVGYDSNGNQVKAGYVTNSQGKTYYFNNQGEAIIGLKTDNNKTQYFGPDGAQVKGAFQQVNGKNIYFDAQTGYA
RQNVGFLDGTAKGFDEQGNQIKSGIATDLSGNVYYFDASGKMLTGVQNIDGKKYYFDEQGHRRRNYAGVFNNEFIYFGLD
GVGQSAIEYQFEKGLTSQNSVATSHNAAKSYDTKSFTNVDGFLTANSWYRPTDILRNGTKWEPSTETDFRPLLMTWWPDK
EVQANYLNYMSALGLGDQKIYTGASSQLDLNNAALIVQEAIEKKISLEKSTKWLDDSIKSFIKSKRKDIQGNLVDTNPGW
TIDSETGSTNHLQNGAFIFTNSPLVPEANAAEGNRLINRTPSQQTGNHISYASQPYSGDDWGYELLLGNDVDNSNPIVQA
EQLNWIHYLMNFGTITAPQDPDAHLANFDSIRIDAVDNVDADLLQIAGDYFKAAYQVGENDKNANQHIHILQDWSPNDVW
YNQQVNGNSQLTMDATMQNQLLASLTRPITSRDSMKSFTKDALLVHRTADNSYNQAVPNYSFIRAHDSEVQTIIAKIISD
KHPDLYPTVDKALLAKDSALYDEAFTEYNADMQKISSQKQYTHNNMPSAYAILLTNKDTVPRVYYGDLFTDNGEYMANKT
PYYDAITSLLTARTKFVSGGQSLSVDKNDVLTSVRYGKGALSATDNGSSDTRNQGIGVIVSNNPNLDLNNDKVTLSMGIS
HAHQAYRPLLLTNSQGIVAYATDSEVPQNLYKTTNDKGELTFDASEIKGYDTVQTSGYLAVWVPVGASDEQDARTIASTE
KNNGNSVYHSNAALDSQLIYEGFSNFQTVPSKNASADEYANVIIAKHAADFNKWGVTSFQMAPQYRSSTDGSFLDAVDTV
QNGYAFTDRYDLGFNAADGSKNPTKYGTDEDLRNAIKSLHAQKTYDGSSIQVMADFVPDQLYNMPLEQAVSVIRTDKYGV
NSENPDIQNIIYAANIKSSGTDYQSIYGGKYLAELQKNPLFKSLFDRIQISTKKTIDPNTRITQWSAKYFNGSNIQGKGI
NYVLKDWASNKYFNVSSNDDMYSRLPKQLMNQESNTGFIVDDIGVKYYSISGYQAKNTFVEDGNGEWYYFDNDGYMVKST
EESGPLRTVNASSKKYYILPNGVEIRNSFGQDIQGNTYYFDARGEMVTSQYISDDTQNIYYFNNDGTMAKKGGRADPAFL
YKVVHHHHHH
;
_entity_poly.pdbx_strand_id   A
#
loop_
_chem_comp.id
_chem_comp.type
_chem_comp.name
_chem_comp.formula
CA non-polymer 'CALCIUM ION' 'Ca 2'
FRU D-saccharide, beta linking beta-D-fructofuranose 'C6 H12 O6'
GLC D-saccharide, alpha linking alpha-D-glucopyranose 'C6 H12 O6'
#
# COMPACT_ATOMS: atom_id res chain seq x y z
N ALA A 171 36.54 44.15 -9.65
CA ALA A 171 36.94 42.86 -10.29
C ALA A 171 36.85 42.97 -11.82
N LYS A 172 37.95 43.39 -12.45
CA LYS A 172 37.98 43.54 -13.91
C LYS A 172 37.71 42.20 -14.61
N GLY A 173 37.44 42.28 -15.91
CA GLY A 173 37.25 41.09 -16.75
C GLY A 173 38.25 41.09 -17.91
N PHE A 174 39.09 40.06 -17.94
CA PHE A 174 40.10 39.86 -18.98
C PHE A 174 39.81 38.57 -19.76
N ASP A 175 40.04 38.60 -21.08
CA ASP A 175 39.95 37.42 -21.94
C ASP A 175 41.30 36.71 -21.98
N GLU A 176 41.29 35.40 -22.25
CA GLU A 176 42.52 34.59 -22.26
C GLU A 176 43.57 35.16 -23.21
N GLN A 177 43.19 35.37 -24.47
CA GLN A 177 44.09 35.88 -25.50
C GLN A 177 44.67 37.23 -25.09
N GLY A 178 43.78 38.11 -24.62
CA GLY A 178 44.18 39.43 -24.15
C GLY A 178 43.20 39.93 -23.11
N ASN A 179 43.72 40.68 -22.14
CA ASN A 179 42.88 41.20 -21.06
C ASN A 179 42.23 42.51 -21.50
N GLN A 180 41.02 42.40 -22.05
CA GLN A 180 40.26 43.57 -22.51
C GLN A 180 38.88 43.58 -21.90
N ILE A 181 38.42 44.78 -21.54
CA ILE A 181 37.04 44.99 -21.11
C ILE A 181 36.51 46.25 -21.80
N LYS A 182 35.40 46.09 -22.53
CA LYS A 182 34.79 47.18 -23.30
C LYS A 182 33.31 46.93 -23.54
N ILE A 185 29.80 42.10 -22.09
CA ILE A 185 29.79 40.71 -22.55
C ILE A 185 30.84 39.87 -21.83
N ALA A 186 30.89 40.00 -20.49
CA ALA A 186 31.80 39.21 -19.66
C ALA A 186 31.00 38.24 -18.78
N THR A 187 31.58 37.08 -18.50
CA THR A 187 30.91 36.06 -17.69
C THR A 187 31.71 35.75 -16.43
N ASP A 188 31.14 34.93 -15.58
CA ASP A 188 31.71 34.55 -14.31
C ASP A 188 31.56 33.02 -14.13
N LEU A 189 32.34 32.43 -13.22
CA LEU A 189 32.30 30.99 -12.94
C LEU A 189 30.95 30.50 -12.41
N SER A 190 30.18 31.37 -11.76
CA SER A 190 28.83 31.01 -11.30
C SER A 190 27.78 31.10 -12.42
N GLY A 191 28.06 31.91 -13.43
CA GLY A 191 27.13 32.16 -14.52
C GLY A 191 26.78 33.63 -14.58
N ASN A 192 27.13 34.36 -13.52
CA ASN A 192 26.82 35.79 -13.43
C ASN A 192 27.37 36.54 -14.63
N VAL A 193 26.56 37.45 -15.16
CA VAL A 193 26.90 38.10 -16.40
C VAL A 193 27.26 39.56 -16.15
N TYR A 194 28.55 39.84 -16.21
CA TYR A 194 29.04 41.19 -16.07
C TYR A 194 29.17 41.77 -17.46
N TYR A 195 28.89 43.06 -17.59
CA TYR A 195 29.31 43.78 -18.76
C TYR A 195 30.06 44.98 -18.24
N PHE A 196 31.29 45.16 -18.72
CA PHE A 196 32.10 46.32 -18.39
C PHE A 196 32.03 47.27 -19.57
N ASP A 197 31.87 48.54 -19.28
CA ASP A 197 32.02 49.60 -20.28
C ASP A 197 33.38 49.55 -20.96
N ALA A 198 33.58 50.43 -21.94
CA ALA A 198 34.91 50.62 -22.50
C ALA A 198 35.88 50.98 -21.37
N SER A 199 36.97 50.21 -21.27
CA SER A 199 38.07 50.40 -20.30
C SER A 199 37.86 49.82 -18.89
N GLY A 200 36.98 48.82 -18.74
CA GLY A 200 37.05 47.90 -17.60
C GLY A 200 36.22 48.09 -16.34
N LYS A 201 35.59 49.25 -16.17
CA LYS A 201 34.71 49.46 -15.02
C LYS A 201 33.39 48.73 -15.24
N MET A 202 32.95 48.03 -14.18
CA MET A 202 31.65 47.40 -14.25
C MET A 202 30.57 48.46 -14.22
N LEU A 203 29.45 48.15 -14.83
CA LEU A 203 28.29 49.02 -14.81
C LEU A 203 27.22 48.44 -13.88
N THR A 204 26.41 49.35 -13.34
CA THR A 204 25.31 49.02 -12.48
C THR A 204 24.10 49.83 -12.95
N GLY A 205 22.93 49.53 -12.39
CA GLY A 205 21.72 50.21 -12.78
C GLY A 205 21.25 49.75 -14.15
N VAL A 206 20.40 50.56 -14.76
CA VAL A 206 19.82 50.23 -16.07
C VAL A 206 20.77 50.67 -17.17
N GLN A 207 21.04 49.74 -18.08
CA GLN A 207 21.97 49.92 -19.18
C GLN A 207 21.29 49.47 -20.45
N ASN A 208 21.59 50.15 -21.56
CA ASN A 208 21.06 49.76 -22.88
C ASN A 208 22.16 49.15 -23.74
N ILE A 209 22.00 47.88 -24.12
CA ILE A 209 22.98 47.16 -24.94
C ILE A 209 22.31 46.64 -26.21
N ASP A 210 22.73 47.19 -27.35
CA ASP A 210 22.25 46.78 -28.67
C ASP A 210 20.75 47.06 -28.85
N GLY A 211 20.27 48.17 -28.30
CA GLY A 211 18.85 48.52 -28.37
C GLY A 211 17.95 47.70 -27.45
N LYS A 212 18.51 47.06 -26.43
CA LYS A 212 17.72 46.40 -25.39
C LYS A 212 18.21 46.91 -24.03
N LYS A 213 17.28 47.02 -23.07
CA LYS A 213 17.61 47.48 -21.71
C LYS A 213 17.92 46.26 -20.85
N TYR A 214 19.01 46.31 -20.09
CA TYR A 214 19.43 45.20 -19.22
C TYR A 214 19.72 45.75 -17.84
N TYR A 215 19.30 45.03 -16.81
CA TYR A 215 19.54 45.52 -15.45
C TYR A 215 20.72 44.83 -14.77
N PHE A 216 21.66 45.66 -14.35
CA PHE A 216 22.82 45.24 -13.56
C PHE A 216 22.71 45.77 -12.13
N ASP A 217 22.63 44.85 -11.16
CA ASP A 217 22.52 45.25 -9.75
C ASP A 217 23.77 46.00 -9.30
N GLU A 218 23.83 46.31 -8.00
CA GLU A 218 24.96 47.05 -7.44
C GLU A 218 26.21 46.14 -7.28
N GLN A 219 26.00 44.83 -7.30
CA GLN A 219 27.08 43.85 -7.35
C GLN A 219 27.76 43.76 -8.73
N GLY A 220 27.07 44.24 -9.77
CA GLY A 220 27.55 44.21 -11.16
C GLY A 220 26.88 43.15 -12.04
N HIS A 221 26.11 42.26 -11.41
CA HIS A 221 25.50 41.11 -12.10
C HIS A 221 24.35 41.57 -12.99
N ARG A 222 24.29 41.03 -14.21
CA ARG A 222 23.10 41.19 -15.04
C ARG A 222 22.05 40.28 -14.44
N ARG A 223 20.81 40.75 -14.42
CA ARG A 223 19.75 40.07 -13.70
C ARG A 223 18.52 39.88 -14.55
N ARG A 224 17.85 38.76 -14.29
CA ARG A 224 16.63 38.35 -15.00
C ARG A 224 15.46 38.32 -14.02
N ASN A 225 14.25 38.42 -14.54
CA ASN A 225 13.04 38.39 -13.71
C ASN A 225 13.07 39.41 -12.58
N TYR A 226 13.34 40.66 -12.94
CA TYR A 226 13.50 41.74 -11.98
C TYR A 226 12.59 42.88 -12.38
N ALA A 227 11.78 43.37 -11.44
CA ALA A 227 10.87 44.47 -11.74
C ALA A 227 11.19 45.69 -10.89
N GLY A 228 10.94 46.88 -11.42
CA GLY A 228 11.17 48.10 -10.68
C GLY A 228 11.12 49.36 -11.51
N VAL A 229 10.94 50.48 -10.84
CA VAL A 229 10.97 51.79 -11.47
C VAL A 229 12.42 52.23 -11.49
N PHE A 230 12.92 52.61 -12.67
CA PHE A 230 14.30 53.09 -12.82
C PHE A 230 14.33 54.34 -13.69
N ASN A 231 14.84 55.42 -13.14
CA ASN A 231 14.79 56.71 -13.83
C ASN A 231 13.40 57.02 -14.34
N ASN A 232 12.41 56.88 -13.44
CA ASN A 232 11.01 57.07 -13.79
C ASN A 232 10.54 56.19 -14.97
N GLU A 233 10.95 54.94 -14.96
CA GLU A 233 10.45 53.95 -15.93
C GLU A 233 10.24 52.67 -15.20
N PHE A 234 9.02 52.16 -15.25
CA PHE A 234 8.72 50.88 -14.64
C PHE A 234 9.10 49.88 -15.72
N ILE A 235 10.08 49.03 -15.43
CA ILE A 235 10.60 48.13 -16.43
C ILE A 235 10.61 46.76 -15.79
N TYR A 236 10.11 45.76 -16.51
CA TYR A 236 10.23 44.37 -16.07
C TYR A 236 11.24 43.64 -16.95
N PHE A 237 12.34 43.23 -16.35
CA PHE A 237 13.37 42.49 -17.05
C PHE A 237 13.03 41.02 -16.94
N GLY A 238 12.67 40.42 -18.08
CA GLY A 238 12.18 39.03 -18.12
C GLY A 238 13.29 38.00 -18.00
N LEU A 239 12.97 36.76 -18.35
CA LEU A 239 13.94 35.66 -18.34
C LEU A 239 15.16 35.97 -19.21
N ASP A 240 14.93 36.76 -20.25
CA ASP A 240 15.99 37.36 -21.06
C ASP A 240 17.00 38.14 -20.23
N GLY A 241 16.49 38.94 -19.30
CA GLY A 241 17.24 40.04 -18.71
C GLY A 241 16.98 41.30 -19.51
N VAL A 242 15.81 41.33 -20.15
CA VAL A 242 15.40 42.39 -21.11
C VAL A 242 14.13 43.11 -20.68
N GLY A 243 14.23 44.43 -20.57
CA GLY A 243 13.17 45.26 -20.04
C GLY A 243 11.91 45.28 -20.88
N GLN A 244 10.76 45.20 -20.21
CA GLN A 244 9.45 45.39 -20.81
C GLN A 244 8.70 46.48 -20.06
N SER A 245 7.94 47.30 -20.80
CA SER A 245 7.18 48.40 -20.22
C SER A 245 6.02 47.88 -19.39
N ALA A 246 6.09 48.04 -18.07
CA ALA A 246 5.03 47.60 -17.17
C ALA A 246 3.69 48.30 -17.43
N ILE A 247 3.71 49.56 -17.86
CA ILE A 247 2.48 50.32 -18.11
C ILE A 247 1.68 49.71 -19.26
N GLU A 248 2.33 49.38 -20.37
CA GLU A 248 1.63 48.88 -21.55
C GLU A 248 0.99 47.51 -21.30
N TYR A 249 -0.26 47.34 -21.74
CA TYR A 249 -0.97 46.07 -21.59
C TYR A 249 -0.28 44.95 -22.35
N GLN A 250 -0.24 43.76 -21.77
CA GLN A 250 0.52 42.66 -22.35
C GLN A 250 -0.38 41.56 -22.86
N PHE A 251 -1.67 41.78 -22.84
CA PHE A 251 -2.63 40.76 -23.23
C PHE A 251 -3.26 41.18 -24.53
N GLU A 252 -3.93 40.25 -25.21
CA GLU A 252 -4.65 40.59 -26.43
C GLU A 252 -5.94 41.29 -26.09
N LYS A 253 -6.09 42.52 -26.56
CA LYS A 253 -7.32 43.26 -26.33
C LYS A 253 -8.35 42.79 -27.32
N GLY A 254 -9.55 42.45 -26.85
CA GLY A 254 -10.64 42.02 -27.74
C GLY A 254 -11.32 40.75 -27.28
N LEU A 255 -12.61 40.63 -27.55
CA LEU A 255 -13.33 39.39 -27.27
C LEU A 255 -13.45 38.59 -28.55
N THR A 256 -13.83 37.31 -28.45
CA THR A 256 -14.06 36.43 -29.60
C THR A 256 -15.33 35.64 -29.36
N SER A 257 -16.34 35.70 -30.22
CA SER A 257 -17.58 34.94 -29.92
C SER A 257 -17.39 33.44 -30.11
N GLN A 258 -18.04 32.71 -29.21
CA GLN A 258 -17.97 31.28 -29.21
C GLN A 258 -19.23 30.73 -29.87
N ASN A 259 -20.08 31.61 -30.36
CA ASN A 259 -21.26 31.20 -31.11
C ASN A 259 -20.85 31.18 -32.56
N SER A 260 -21.19 30.09 -33.25
CA SER A 260 -20.94 29.90 -34.67
C SER A 260 -22.20 29.32 -35.28
N VAL A 261 -22.17 28.95 -36.55
CA VAL A 261 -23.34 28.27 -37.15
C VAL A 261 -23.59 26.93 -36.48
N ALA A 262 -22.52 26.25 -36.05
CA ALA A 262 -22.59 24.90 -35.51
C ALA A 262 -22.91 24.79 -34.02
N THR A 263 -22.73 25.87 -33.29
CA THR A 263 -22.99 25.82 -31.86
C THR A 263 -24.47 25.59 -31.52
N SER A 264 -25.36 26.06 -32.39
CA SER A 264 -26.78 25.75 -32.26
C SER A 264 -26.98 24.25 -32.34
N HIS A 265 -26.22 23.57 -33.22
CA HIS A 265 -26.29 22.11 -33.41
C HIS A 265 -25.52 21.31 -32.37
N ASN A 266 -24.34 21.77 -31.99
CA ASN A 266 -23.52 21.00 -31.06
C ASN A 266 -23.91 21.25 -29.60
N ALA A 267 -24.74 22.24 -29.36
CA ALA A 267 -25.29 22.45 -28.04
C ALA A 267 -25.99 21.20 -27.53
N ALA A 268 -25.88 20.98 -26.23
CA ALA A 268 -26.42 19.78 -25.59
C ALA A 268 -27.92 19.67 -25.79
N LYS A 269 -28.37 18.44 -26.06
CA LYS A 269 -29.77 18.13 -26.26
C LYS A 269 -30.55 18.62 -25.08
N SER A 270 -30.08 18.21 -23.92
CA SER A 270 -30.54 18.74 -22.66
C SER A 270 -29.40 19.00 -21.70
N TYR A 271 -29.64 19.90 -20.75
CA TYR A 271 -28.59 20.40 -19.89
C TYR A 271 -28.57 19.65 -18.54
N ASP A 272 -28.93 18.37 -18.58
CA ASP A 272 -29.18 17.59 -17.37
C ASP A 272 -28.53 16.26 -17.50
N THR A 273 -28.62 15.46 -16.44
CA THR A 273 -27.99 14.14 -16.36
C THR A 273 -28.18 13.22 -17.55
N LYS A 274 -29.38 13.22 -18.12
CA LYS A 274 -29.72 12.34 -19.23
C LYS A 274 -28.97 12.54 -20.53
N SER A 275 -28.35 13.70 -20.69
CA SER A 275 -27.61 14.00 -21.91
C SER A 275 -26.09 14.06 -21.68
N PHE A 276 -25.65 13.86 -20.42
CA PHE A 276 -24.24 13.83 -20.10
C PHE A 276 -23.83 12.63 -19.27
N THR A 277 -22.77 11.95 -19.70
CA THR A 277 -22.14 10.94 -18.86
C THR A 277 -21.44 11.76 -17.80
N ASN A 278 -21.57 11.37 -16.55
CA ASN A 278 -21.17 12.20 -15.42
C ASN A 278 -20.82 11.43 -14.17
N VAL A 279 -20.18 12.10 -13.21
CA VAL A 279 -19.82 11.49 -11.92
C VAL A 279 -20.45 12.31 -10.81
N ASP A 280 -21.45 11.75 -10.13
CA ASP A 280 -22.25 12.48 -9.13
C ASP A 280 -22.62 13.87 -9.58
N GLY A 281 -23.03 14.02 -10.84
CA GLY A 281 -23.32 15.33 -11.39
C GLY A 281 -22.14 16.02 -12.03
N PHE A 282 -20.96 15.82 -11.45
CA PHE A 282 -19.72 16.47 -11.92
C PHE A 282 -19.34 15.90 -13.27
N LEU A 283 -18.52 16.63 -14.00
CA LEU A 283 -18.04 16.15 -15.29
C LEU A 283 -16.55 15.87 -15.22
N THR A 284 -16.04 15.02 -16.13
CA THR A 284 -14.59 14.75 -16.25
C THR A 284 -14.19 14.85 -17.70
N ALA A 285 -12.91 14.73 -18.02
CA ALA A 285 -12.42 14.81 -19.40
C ALA A 285 -12.98 13.72 -20.34
N ASN A 286 -13.41 12.63 -19.74
CA ASN A 286 -14.00 11.55 -20.50
C ASN A 286 -15.52 11.61 -20.51
N SER A 287 -16.09 12.78 -20.23
CA SER A 287 -17.53 12.92 -20.36
C SER A 287 -17.89 12.91 -21.82
N TRP A 288 -19.00 12.23 -22.10
CA TRP A 288 -19.61 12.25 -23.40
C TRP A 288 -20.97 12.89 -23.21
N TYR A 289 -21.49 13.53 -24.25
CA TYR A 289 -22.78 14.22 -24.19
C TYR A 289 -23.59 14.01 -25.46
N ARG A 290 -24.85 14.44 -25.45
CA ARG A 290 -25.69 14.29 -26.62
C ARG A 290 -25.96 15.68 -27.23
N PRO A 291 -25.49 15.94 -28.46
CA PRO A 291 -25.82 17.23 -29.07
C PRO A 291 -27.26 17.30 -29.63
N THR A 292 -27.72 18.46 -30.06
CA THR A 292 -29.04 18.54 -30.68
C THR A 292 -29.01 17.99 -32.12
N ASP A 293 -27.86 18.11 -32.79
CA ASP A 293 -27.67 17.52 -34.10
C ASP A 293 -26.31 16.84 -34.23
N ILE A 294 -26.24 15.90 -35.14
CA ILE A 294 -25.02 15.18 -35.49
C ILE A 294 -24.67 15.54 -36.92
N LEU A 295 -23.39 15.78 -37.19
CA LEU A 295 -22.97 15.96 -38.57
C LEU A 295 -22.79 14.55 -39.18
N ARG A 296 -23.88 13.99 -39.69
CA ARG A 296 -23.90 12.57 -39.98
C ARG A 296 -23.14 12.27 -41.23
N ASN A 297 -22.14 11.39 -41.07
CA ASN A 297 -21.18 11.10 -42.13
C ASN A 297 -20.50 12.36 -42.63
N GLY A 298 -20.29 13.30 -41.71
CA GLY A 298 -19.67 14.56 -42.00
C GLY A 298 -20.31 15.41 -43.06
N THR A 299 -21.58 15.17 -43.36
CA THR A 299 -22.22 15.90 -44.48
C THR A 299 -23.65 16.42 -44.26
N LYS A 300 -24.32 16.02 -43.19
CA LYS A 300 -25.71 16.44 -42.97
C LYS A 300 -26.05 16.45 -41.52
N TRP A 301 -26.61 17.55 -41.06
CA TRP A 301 -26.97 17.68 -39.65
C TRP A 301 -28.28 16.98 -39.45
N GLU A 302 -28.25 15.89 -38.69
CA GLU A 302 -29.45 15.16 -38.29
C GLU A 302 -29.69 15.31 -36.80
N PRO A 303 -30.96 15.33 -36.38
CA PRO A 303 -31.31 15.28 -34.98
C PRO A 303 -30.70 14.05 -34.35
N SER A 304 -30.16 14.20 -33.15
CA SER A 304 -29.42 13.15 -32.50
C SER A 304 -30.39 12.20 -31.87
N THR A 305 -30.09 10.91 -31.94
CA THR A 305 -30.86 9.90 -31.23
C THR A 305 -30.44 9.86 -29.77
N GLU A 306 -30.97 8.91 -29.02
CA GLU A 306 -30.58 8.73 -27.64
C GLU A 306 -29.18 8.24 -27.52
N THR A 307 -28.75 7.39 -28.44
CA THR A 307 -27.39 6.87 -28.34
C THR A 307 -26.35 7.74 -29.03
N ASP A 308 -26.76 8.80 -29.70
CA ASP A 308 -25.81 9.67 -30.38
C ASP A 308 -25.05 10.55 -29.41
N PHE A 309 -24.20 9.92 -28.61
CA PHE A 309 -23.31 10.63 -27.71
C PHE A 309 -21.96 10.84 -28.36
N ARG A 310 -21.37 11.99 -28.09
CA ARG A 310 -20.07 12.33 -28.62
C ARG A 310 -19.22 12.82 -27.44
N PRO A 311 -17.90 12.65 -27.48
CA PRO A 311 -17.06 13.12 -26.38
C PRO A 311 -17.07 14.63 -26.21
N LEU A 312 -17.06 15.11 -24.96
CA LEU A 312 -17.15 16.53 -24.67
C LEU A 312 -16.00 17.25 -25.34
N LEU A 313 -14.83 16.65 -25.22
CA LEU A 313 -13.61 17.16 -25.84
C LEU A 313 -13.63 17.31 -27.38
N MET A 314 -14.66 16.79 -28.05
CA MET A 314 -14.91 17.06 -29.48
C MET A 314 -15.41 18.48 -29.74
N THR A 315 -16.13 19.06 -28.79
CA THR A 315 -16.74 20.38 -28.97
C THR A 315 -16.36 21.40 -27.88
N TRP A 316 -15.73 20.98 -26.78
CA TRP A 316 -15.35 21.91 -25.68
C TRP A 316 -14.06 21.53 -24.97
N TRP A 317 -13.31 22.56 -24.54
CA TRP A 317 -11.99 22.40 -23.89
C TRP A 317 -11.87 23.42 -22.75
N PRO A 318 -11.13 23.10 -21.68
CA PRO A 318 -11.09 24.00 -20.52
C PRO A 318 -10.24 25.26 -20.68
N ASP A 319 -9.33 25.25 -21.66
CA ASP A 319 -8.56 26.42 -22.06
C ASP A 319 -7.98 26.17 -23.45
N LYS A 320 -7.32 27.16 -24.03
CA LYS A 320 -6.86 27.05 -25.42
C LYS A 320 -5.73 26.08 -25.64
N GLU A 321 -4.89 25.89 -24.63
CA GLU A 321 -3.75 25.00 -24.77
C GLU A 321 -4.26 23.57 -24.95
N VAL A 322 -5.27 23.20 -24.18
CA VAL A 322 -5.79 21.86 -24.28
C VAL A 322 -6.47 21.69 -25.62
N GLN A 323 -7.24 22.70 -26.01
CA GLN A 323 -7.85 22.70 -27.34
C GLN A 323 -6.77 22.53 -28.42
N ALA A 324 -5.69 23.31 -28.31
CA ALA A 324 -4.59 23.21 -29.28
C ALA A 324 -3.97 21.82 -29.30
N ASN A 325 -3.64 21.31 -28.12
CA ASN A 325 -3.03 19.98 -28.04
C ASN A 325 -3.95 18.94 -28.63
N TYR A 326 -5.22 19.00 -28.25
CA TYR A 326 -6.26 18.15 -28.85
C TYR A 326 -6.27 18.23 -30.37
N LEU A 327 -6.12 19.42 -30.94
CA LEU A 327 -6.18 19.58 -32.38
C LEU A 327 -5.03 18.92 -33.11
N ASN A 328 -3.85 19.01 -32.49
CA ASN A 328 -2.64 18.46 -33.09
C ASN A 328 -2.62 16.96 -32.95
N TYR A 329 -3.11 16.50 -31.82
CA TYR A 329 -3.19 15.09 -31.56
C TYR A 329 -4.11 14.39 -32.53
N MET A 330 -5.31 14.96 -32.73
CA MET A 330 -6.28 14.37 -33.65
C MET A 330 -5.74 14.39 -35.08
N SER A 331 -5.05 15.48 -35.47
CA SER A 331 -4.43 15.60 -36.78
C SER A 331 -3.34 14.54 -37.02
N ALA A 332 -2.59 14.22 -35.96
CA ALA A 332 -1.58 13.16 -36.00
C ALA A 332 -2.20 11.77 -36.16
N LEU A 333 -3.52 11.68 -35.96
CA LEU A 333 -4.24 10.44 -36.23
C LEU A 333 -4.97 10.51 -37.56
N GLY A 334 -4.54 11.41 -38.45
CA GLY A 334 -5.13 11.53 -39.76
C GLY A 334 -6.47 12.22 -39.78
N LEU A 335 -6.91 12.73 -38.63
CA LEU A 335 -8.24 13.30 -38.50
C LEU A 335 -8.19 14.80 -38.48
N GLY A 336 -7.27 15.39 -39.20
CA GLY A 336 -7.11 16.78 -39.02
C GLY A 336 -6.30 17.54 -40.01
N ASP A 337 -6.17 18.79 -39.64
CA ASP A 337 -5.36 19.73 -40.32
C ASP A 337 -3.88 19.41 -40.14
N GLN A 338 -3.16 19.12 -41.21
CA GLN A 338 -1.72 18.93 -41.08
C GLN A 338 -1.02 20.28 -40.91
N LYS A 339 -1.20 20.89 -39.75
CA LYS A 339 -0.42 22.07 -39.34
C LYS A 339 -0.56 22.22 -37.83
N ILE A 340 0.25 23.10 -37.25
CA ILE A 340 0.49 23.15 -35.79
C ILE A 340 -0.14 24.34 -35.08
N TYR A 341 -0.83 24.04 -33.97
CA TYR A 341 -1.55 25.03 -33.17
C TYR A 341 -0.93 25.09 -31.78
N THR A 342 -1.14 26.19 -31.07
CA THR A 342 -0.65 26.38 -29.71
C THR A 342 -1.56 27.35 -29.00
N GLY A 343 -1.42 27.45 -27.67
CA GLY A 343 -2.13 28.48 -26.89
C GLY A 343 -1.83 29.90 -27.33
N ALA A 344 -0.74 30.07 -28.07
CA ALA A 344 -0.44 31.32 -28.76
C ALA A 344 -1.41 31.56 -29.91
N SER A 345 -1.83 30.46 -30.55
CA SER A 345 -2.67 30.51 -31.74
C SER A 345 -4.01 31.15 -31.41
N SER A 346 -4.69 31.71 -32.40
CA SER A 346 -5.87 32.55 -32.14
C SER A 346 -7.11 31.74 -31.81
N GLN A 347 -8.02 32.37 -31.06
CA GLN A 347 -9.20 31.65 -30.55
C GLN A 347 -10.08 31.23 -31.70
N LEU A 348 -10.20 32.09 -32.70
CA LEU A 348 -11.11 31.86 -33.82
C LEU A 348 -10.63 30.75 -34.74
N ASP A 349 -9.31 30.65 -34.90
CA ASP A 349 -8.71 29.59 -35.73
C ASP A 349 -8.88 28.21 -35.11
N LEU A 350 -8.65 28.14 -33.81
CA LEU A 350 -8.81 26.90 -33.06
C LEU A 350 -10.25 26.37 -33.18
N ASN A 351 -11.21 27.29 -33.08
CA ASN A 351 -12.62 26.94 -33.23
C ASN A 351 -12.95 26.41 -34.63
N ASN A 352 -12.43 27.05 -35.68
CA ASN A 352 -12.67 26.62 -37.07
C ASN A 352 -11.99 25.32 -37.42
N ALA A 353 -10.81 25.10 -36.85
CA ALA A 353 -10.06 23.88 -37.08
C ALA A 353 -10.68 22.72 -36.34
N ALA A 354 -11.31 23.02 -35.22
CA ALA A 354 -12.04 22.01 -34.49
C ALA A 354 -13.17 21.44 -35.33
N LEU A 355 -13.81 22.29 -36.12
CA LEU A 355 -14.89 21.89 -37.02
C LEU A 355 -14.41 20.98 -38.16
N ILE A 356 -13.21 21.22 -38.65
CA ILE A 356 -12.65 20.38 -39.68
C ILE A 356 -12.34 19.03 -39.07
N VAL A 357 -11.75 19.04 -37.88
CA VAL A 357 -11.53 17.81 -37.12
C VAL A 357 -12.83 17.08 -36.88
N GLN A 358 -13.89 17.83 -36.60
CA GLN A 358 -15.21 17.22 -36.38
C GLN A 358 -15.76 16.50 -37.62
N GLU A 359 -15.58 17.06 -38.81
CA GLU A 359 -16.01 16.36 -40.03
C GLU A 359 -15.32 15.03 -40.13
N ALA A 360 -14.00 15.04 -40.01
CA ALA A 360 -13.22 13.82 -40.17
C ALA A 360 -13.65 12.77 -39.17
N ILE A 361 -13.79 13.17 -37.92
CA ILE A 361 -14.25 12.28 -36.84
C ILE A 361 -15.53 11.60 -37.29
N GLU A 362 -16.51 12.38 -37.72
CA GLU A 362 -17.84 11.86 -38.00
C GLU A 362 -17.85 10.94 -39.21
N LYS A 363 -16.98 11.19 -40.19
CA LYS A 363 -16.87 10.30 -41.35
C LYS A 363 -16.27 8.95 -40.94
N LYS A 364 -15.23 8.97 -40.13
CA LYS A 364 -14.68 7.77 -39.55
C LYS A 364 -15.75 6.97 -38.80
N ILE A 365 -16.63 7.66 -38.10
CA ILE A 365 -17.68 7.01 -37.28
C ILE A 365 -18.70 6.32 -38.18
N SER A 366 -19.10 6.96 -39.29
CA SER A 366 -20.04 6.35 -40.24
C SER A 366 -19.44 5.13 -40.87
N LEU A 367 -18.15 5.21 -41.18
CA LEU A 367 -17.43 4.12 -41.82
C LEU A 367 -17.40 2.92 -40.88
N GLU A 368 -16.85 3.11 -39.69
CA GLU A 368 -16.64 2.03 -38.74
C GLU A 368 -17.93 1.47 -38.10
N LYS A 369 -19.00 2.26 -38.09
CA LYS A 369 -20.20 1.94 -37.32
C LYS A 369 -19.86 1.74 -35.83
N SER A 370 -19.10 2.67 -35.27
CA SER A 370 -18.59 2.52 -33.91
C SER A 370 -18.03 3.85 -33.42
N THR A 371 -18.05 4.03 -32.10
CA THR A 371 -17.31 5.11 -31.48
C THR A 371 -16.28 4.56 -30.52
N LYS A 372 -16.15 3.24 -30.42
CA LYS A 372 -15.13 2.64 -29.54
C LYS A 372 -13.76 3.16 -29.95
N TRP A 373 -13.53 3.14 -31.26
CA TRP A 373 -12.28 3.66 -31.78
C TRP A 373 -12.08 5.07 -31.26
N LEU A 374 -13.16 5.86 -31.21
CA LEU A 374 -13.10 7.25 -30.78
C LEU A 374 -12.87 7.37 -29.29
N ASP A 375 -13.63 6.63 -28.53
CA ASP A 375 -13.40 6.53 -27.11
C ASP A 375 -11.95 6.16 -26.83
N ASP A 376 -11.43 5.22 -27.60
CA ASP A 376 -10.04 4.78 -27.44
C ASP A 376 -9.10 5.95 -27.70
N SER A 377 -9.36 6.69 -28.77
CA SER A 377 -8.46 7.78 -29.16
C SER A 377 -8.66 9.07 -28.34
N ILE A 378 -9.78 9.19 -27.64
CA ILE A 378 -9.98 10.32 -26.71
C ILE A 378 -9.32 10.00 -25.39
N LYS A 379 -9.55 8.77 -24.93
CA LYS A 379 -8.88 8.31 -23.72
C LYS A 379 -7.38 8.40 -23.88
N SER A 380 -6.88 7.92 -25.03
CA SER A 380 -5.44 7.91 -25.28
C SER A 380 -4.86 9.32 -25.54
N PHE A 381 -5.68 10.23 -26.06
CA PHE A 381 -5.28 11.63 -26.16
C PHE A 381 -4.98 12.26 -24.80
N ILE A 382 -5.84 11.95 -23.84
CA ILE A 382 -5.79 12.57 -22.51
C ILE A 382 -4.49 12.27 -21.78
N LYS A 383 -4.10 11.01 -21.85
CA LYS A 383 -2.86 10.58 -21.25
C LYS A 383 -1.66 10.75 -22.19
N SER A 384 -1.88 11.32 -23.38
CA SER A 384 -0.80 11.40 -24.35
C SER A 384 0.39 12.17 -23.78
N LYS A 385 1.55 11.91 -24.37
CA LYS A 385 2.81 12.57 -24.02
C LYS A 385 3.38 13.31 -25.20
N ARG A 386 4.31 14.21 -24.90
CA ARG A 386 4.81 15.20 -25.83
C ARG A 386 6.31 15.46 -25.61
N LYS A 387 7.06 15.60 -26.71
CA LYS A 387 8.44 16.12 -26.65
C LYS A 387 8.35 17.64 -26.51
N ASP A 388 9.29 18.21 -25.75
CA ASP A 388 9.22 19.62 -25.38
C ASP A 388 10.45 20.36 -25.91
N ILE A 389 10.67 21.59 -25.43
CA ILE A 389 11.83 22.39 -25.87
C ILE A 389 13.16 21.75 -25.41
N GLN A 390 13.18 21.22 -24.19
CA GLN A 390 14.35 20.50 -23.69
C GLN A 390 14.59 19.21 -24.49
N GLY A 391 13.52 18.55 -24.91
CA GLY A 391 13.63 17.34 -25.71
C GLY A 391 13.34 16.06 -24.95
N ASN A 392 12.65 16.17 -23.81
CA ASN A 392 12.21 14.99 -23.05
C ASN A 392 10.67 14.86 -22.97
N LEU A 393 10.19 13.61 -23.02
CA LEU A 393 8.75 13.34 -22.96
C LEU A 393 8.10 13.90 -21.72
N VAL A 394 7.16 14.82 -21.93
CA VAL A 394 6.34 15.35 -20.83
C VAL A 394 4.93 14.84 -21.04
N ASP A 395 4.07 15.05 -20.05
CA ASP A 395 2.65 14.81 -20.25
C ASP A 395 2.06 15.99 -21.06
N THR A 396 1.16 15.68 -22.00
CA THR A 396 0.51 16.73 -22.78
C THR A 396 -0.56 17.36 -21.90
N ASN A 397 -1.13 16.58 -20.97
CA ASN A 397 -2.19 17.09 -20.10
C ASN A 397 -1.95 16.80 -18.60
N PRO A 398 -0.90 17.39 -18.02
CA PRO A 398 -0.43 17.09 -16.66
C PRO A 398 -1.54 17.01 -15.64
N GLY A 399 -2.49 17.93 -15.75
CA GLY A 399 -3.61 17.98 -14.82
C GLY A 399 -4.53 16.78 -14.89
N TRP A 400 -4.33 15.91 -15.88
CA TRP A 400 -5.16 14.74 -16.06
C TRP A 400 -4.38 13.44 -15.91
N THR A 401 -3.20 13.53 -15.28
CA THR A 401 -2.37 12.36 -15.00
C THR A 401 -1.81 12.38 -13.59
N ILE A 402 -1.21 11.26 -13.19
CA ILE A 402 -0.53 11.14 -11.89
C ILE A 402 0.55 12.20 -11.67
N ASP A 403 1.14 12.69 -12.76
CA ASP A 403 2.10 13.77 -12.69
C ASP A 403 1.64 14.91 -11.76
N SER A 404 0.37 15.30 -11.89
CA SER A 404 -0.18 16.42 -11.09
C SER A 404 -0.46 16.07 -9.63
N GLU A 405 -0.48 14.79 -9.30
CA GLU A 405 -0.84 14.34 -7.94
C GLU A 405 0.38 14.22 -7.02
N THR A 406 1.26 15.21 -7.07
CA THR A 406 2.52 15.17 -6.35
C THR A 406 2.33 15.48 -4.87
N GLY A 407 3.06 14.75 -4.03
CA GLY A 407 3.08 14.94 -2.58
C GLY A 407 4.13 14.00 -2.01
N SER A 408 3.92 13.54 -0.78
CA SER A 408 4.84 12.60 -0.16
C SER A 408 4.88 11.24 -0.86
N THR A 409 6.05 10.64 -0.92
CA THR A 409 6.21 9.29 -1.48
C THR A 409 6.05 8.15 -0.46
N ASN A 410 6.03 8.49 0.83
CA ASN A 410 5.99 7.49 1.89
C ASN A 410 4.61 6.83 1.98
N HIS A 411 4.38 5.91 1.06
CA HIS A 411 3.21 5.04 1.04
C HIS A 411 3.54 3.97 0.01
N LEU A 412 3.08 2.73 0.19
CA LEU A 412 3.59 1.63 -0.67
C LEU A 412 3.37 1.82 -2.16
N GLN A 413 2.35 2.60 -2.49
CA GLN A 413 1.94 2.90 -3.87
C GLN A 413 2.25 4.36 -4.25
N ASN A 414 3.26 4.94 -3.61
CA ASN A 414 3.90 6.21 -3.99
C ASN A 414 3.12 7.47 -3.74
N GLY A 415 2.09 7.40 -2.90
CA GLY A 415 1.25 8.56 -2.63
C GLY A 415 -0.07 8.15 -2.03
N ALA A 416 -0.78 9.10 -1.43
CA ALA A 416 -2.03 8.80 -0.74
C ALA A 416 -2.89 10.03 -0.55
N PHE A 417 -4.20 9.84 -0.69
CA PHE A 417 -5.18 10.87 -0.40
C PHE A 417 -5.84 10.55 0.93
N ILE A 418 -6.25 11.59 1.66
CA ILE A 418 -7.20 11.42 2.75
C ILE A 418 -8.54 12.00 2.31
N PHE A 419 -9.60 11.21 2.48
CA PHE A 419 -10.92 11.73 2.20
C PHE A 419 -11.34 12.65 3.35
N THR A 420 -11.86 13.82 2.95
CA THR A 420 -12.27 14.88 3.87
C THR A 420 -13.59 15.44 3.40
N ASN A 421 -14.33 16.04 4.34
CA ASN A 421 -15.66 16.54 4.03
C ASN A 421 -15.60 17.87 3.31
N SER A 422 -16.69 18.19 2.65
CA SER A 422 -16.80 19.41 1.87
C SER A 422 -18.25 19.55 1.39
N PRO A 423 -18.80 20.76 1.44
CA PRO A 423 -20.19 21.00 1.10
C PRO A 423 -20.54 20.76 -0.36
N LEU A 424 -19.52 20.68 -1.21
CA LEU A 424 -19.69 20.42 -2.66
C LEU A 424 -20.08 18.98 -2.99
N VAL A 425 -19.85 18.09 -2.04
CA VAL A 425 -19.95 16.67 -2.26
C VAL A 425 -20.59 16.09 -1.02
N PRO A 426 -21.91 16.27 -0.90
CA PRO A 426 -22.63 15.93 0.32
C PRO A 426 -22.69 14.46 0.60
N GLU A 427 -22.64 13.64 -0.43
CA GLU A 427 -22.87 12.22 -0.22
C GLU A 427 -21.62 11.43 0.15
N ALA A 428 -20.45 12.05 0.00
CA ALA A 428 -19.18 11.44 0.37
C ALA A 428 -18.67 11.94 1.70
N ASN A 429 -19.50 12.71 2.38
CA ASN A 429 -19.05 13.25 3.63
C ASN A 429 -19.35 12.24 4.70
N ALA A 430 -18.36 12.06 5.56
CA ALA A 430 -18.46 11.20 6.72
C ALA A 430 -19.11 11.98 7.85
N ALA A 431 -19.62 11.27 8.83
CA ALA A 431 -20.16 11.91 10.02
C ALA A 431 -19.06 12.56 10.87
N GLU A 432 -19.49 13.32 11.87
CA GLU A 432 -18.58 13.96 12.81
C GLU A 432 -17.92 12.91 13.71
N GLY A 433 -16.62 13.04 13.90
CA GLY A 433 -15.84 12.13 14.76
C GLY A 433 -15.68 10.73 14.23
N ASN A 434 -15.73 10.59 12.90
CA ASN A 434 -15.37 9.36 12.20
C ASN A 434 -14.01 9.57 11.53
N ARG A 435 -13.63 8.68 10.63
CA ARG A 435 -12.33 8.77 9.99
C ARG A 435 -11.26 9.11 11.04
N LEU A 436 -11.27 8.37 12.16
CA LEU A 436 -10.17 8.41 13.12
C LEU A 436 -9.05 7.53 12.59
N ILE A 437 -8.05 8.20 12.02
CA ILE A 437 -6.90 7.51 11.44
C ILE A 437 -5.90 7.17 12.56
N ASN A 438 -5.15 6.09 12.36
CA ASN A 438 -4.03 5.70 13.23
C ASN A 438 -4.39 5.20 14.62
N ARG A 439 -5.55 4.59 14.74
CA ARG A 439 -5.92 3.97 16.02
C ARG A 439 -5.30 2.57 16.21
N THR A 440 -3.98 2.53 16.19
CA THR A 440 -3.23 1.30 16.30
C THR A 440 -3.28 0.89 17.75
N PRO A 441 -2.91 -0.37 18.06
CA PRO A 441 -2.96 -0.80 19.45
C PRO A 441 -2.25 0.15 20.43
N SER A 442 -1.07 0.64 20.03
CA SER A 442 -0.30 1.58 20.88
C SER A 442 -1.02 2.91 21.07
N GLN A 443 -1.67 3.35 19.99
CA GLN A 443 -2.35 4.63 19.92
C GLN A 443 -3.88 4.53 19.83
N GLN A 444 -4.45 3.48 20.43
CA GLN A 444 -5.90 3.26 20.37
C GLN A 444 -6.61 4.41 21.08
N THR A 445 -6.01 4.82 22.19
CA THR A 445 -6.54 5.87 23.04
C THR A 445 -6.53 7.26 22.37
N GLY A 446 -5.61 7.49 21.43
CA GLY A 446 -5.34 8.82 20.90
C GLY A 446 -3.88 9.25 21.16
N ASN A 447 -3.16 8.46 21.96
CA ASN A 447 -1.78 8.75 22.34
C ASN A 447 -1.00 7.46 22.53
N HIS A 448 0.30 7.51 22.27
CA HIS A 448 1.17 6.37 22.50
C HIS A 448 1.14 6.00 23.97
N ILE A 449 1.15 4.70 24.21
CA ILE A 449 1.29 4.16 25.54
C ILE A 449 2.23 2.98 25.45
N SER A 450 3.44 3.09 25.94
CA SER A 450 4.31 1.94 25.99
C SER A 450 3.77 1.01 27.08
N TYR A 451 3.47 -0.23 26.70
CA TYR A 451 3.08 -1.25 27.67
C TYR A 451 4.28 -2.10 28.04
N ALA A 452 5.41 -1.82 27.40
CA ALA A 452 6.59 -2.65 27.52
C ALA A 452 7.43 -2.23 28.72
N SER A 453 8.13 -3.21 29.29
CA SER A 453 8.93 -2.97 30.47
C SER A 453 10.43 -3.14 30.19
N GLN A 454 11.22 -2.99 31.25
CA GLN A 454 12.67 -2.68 31.22
C GLN A 454 13.46 -3.16 29.99
N PRO A 455 13.46 -4.49 29.75
CA PRO A 455 14.24 -5.05 28.61
C PRO A 455 13.57 -4.87 27.25
N TYR A 456 12.23 -4.82 27.23
CA TYR A 456 11.47 -4.90 25.98
C TYR A 456 11.11 -3.52 25.45
N SER A 457 10.89 -3.44 24.15
CA SER A 457 10.56 -2.18 23.48
C SER A 457 9.05 -1.96 23.42
N GLY A 458 8.67 -0.68 23.46
CA GLY A 458 7.26 -0.29 23.40
C GLY A 458 6.98 0.60 22.22
N ASP A 459 7.67 0.37 21.10
CA ASP A 459 7.49 1.17 19.90
C ASP A 459 6.25 0.71 19.15
N ASP A 460 5.78 1.59 18.26
CA ASP A 460 4.65 1.29 17.38
C ASP A 460 5.10 1.63 15.97
N TRP A 461 5.09 0.66 15.06
CA TRP A 461 5.43 0.93 13.68
C TRP A 461 4.20 1.06 12.80
N GLY A 462 3.02 1.09 13.40
CA GLY A 462 1.78 1.14 12.63
C GLY A 462 1.57 2.42 11.85
N TYR A 463 0.54 2.41 11.00
CA TYR A 463 0.08 3.60 10.25
C TYR A 463 -1.19 3.22 9.51
N GLU A 464 -2.10 4.18 9.26
CA GLU A 464 -3.49 3.84 8.83
C GLU A 464 -3.63 3.47 7.36
N LEU A 465 -2.91 4.16 6.51
CA LEU A 465 -3.03 3.96 5.07
C LEU A 465 -1.95 3.03 4.59
N LEU A 466 -2.33 1.80 4.27
CA LEU A 466 -1.37 0.77 3.91
C LEU A 466 -1.36 0.61 2.42
N LEU A 467 -2.51 0.18 1.91
CA LEU A 467 -2.72 -0.23 0.53
C LEU A 467 -4.15 0.03 0.10
N GLY A 468 -4.34 0.09 -1.21
CA GLY A 468 -5.66 0.25 -1.80
C GLY A 468 -6.52 1.33 -1.14
N ASN A 469 -7.82 1.06 -1.08
CA ASN A 469 -8.79 1.99 -0.54
C ASN A 469 -8.99 1.64 0.93
N ASP A 470 -8.72 2.59 1.82
CA ASP A 470 -8.67 2.27 3.24
C ASP A 470 -10.00 2.33 3.98
N VAL A 471 -10.49 1.18 4.41
CA VAL A 471 -11.74 1.12 5.14
C VAL A 471 -11.57 1.79 6.50
N ASP A 472 -12.56 2.63 6.82
CA ASP A 472 -12.58 3.38 8.07
C ASP A 472 -13.16 2.54 9.16
N ASN A 473 -12.29 1.87 9.92
CA ASN A 473 -12.76 0.98 10.97
C ASN A 473 -12.96 1.70 12.31
N SER A 474 -12.92 3.04 12.29
CA SER A 474 -13.36 3.86 13.42
C SER A 474 -14.83 4.29 13.28
N ASN A 475 -15.44 3.95 12.17
CA ASN A 475 -16.85 4.15 11.95
C ASN A 475 -17.63 2.97 12.54
N PRO A 476 -18.59 3.24 13.42
CA PRO A 476 -19.31 2.11 14.04
C PRO A 476 -20.23 1.27 13.13
N ILE A 477 -20.70 1.84 12.01
CA ILE A 477 -21.51 1.06 11.09
C ILE A 477 -20.61 0.06 10.39
N VAL A 478 -19.40 0.51 10.05
CA VAL A 478 -18.36 -0.34 9.45
C VAL A 478 -17.96 -1.42 10.43
N GLN A 479 -17.63 -1.05 11.67
CA GLN A 479 -17.29 -2.03 12.69
C GLN A 479 -18.30 -3.16 12.78
N ALA A 480 -19.59 -2.84 12.68
CA ALA A 480 -20.64 -3.87 12.69
C ALA A 480 -20.55 -4.74 11.45
N GLU A 481 -20.34 -4.10 10.31
CA GLU A 481 -20.12 -4.86 9.09
C GLU A 481 -18.88 -5.77 9.19
N GLN A 482 -17.87 -5.38 9.96
CA GLN A 482 -16.71 -6.27 10.18
C GLN A 482 -17.09 -7.50 11.02
N LEU A 483 -17.91 -7.28 12.04
CA LEU A 483 -18.51 -8.37 12.81
C LEU A 483 -19.32 -9.27 11.88
N ASN A 484 -20.21 -8.67 11.10
CA ASN A 484 -21.09 -9.41 10.21
C ASN A 484 -20.28 -10.35 9.34
N TRP A 485 -19.16 -9.85 8.86
CA TRP A 485 -18.27 -10.60 8.00
C TRP A 485 -17.64 -11.80 8.75
N ILE A 486 -17.18 -11.58 9.97
CA ILE A 486 -16.61 -12.67 10.76
C ILE A 486 -17.64 -13.76 10.98
N HIS A 487 -18.87 -13.37 11.30
CA HIS A 487 -19.96 -14.35 11.49
C HIS A 487 -20.20 -15.17 10.23
N TYR A 488 -20.17 -14.50 9.09
CA TYR A 488 -20.39 -15.14 7.79
C TYR A 488 -19.31 -16.16 7.49
N LEU A 489 -18.07 -15.80 7.79
CA LEU A 489 -16.97 -16.73 7.59
C LEU A 489 -17.12 -17.93 8.52
N MET A 490 -17.32 -17.67 9.80
CA MET A 490 -17.47 -18.73 10.79
C MET A 490 -18.69 -19.63 10.54
N ASN A 491 -19.57 -19.23 9.61
CA ASN A 491 -20.74 -20.02 9.21
C ASN A 491 -20.90 -20.14 7.72
N PHE A 492 -19.78 -20.05 7.01
CA PHE A 492 -19.75 -20.08 5.56
C PHE A 492 -20.45 -21.29 4.96
N GLY A 493 -20.28 -22.44 5.61
CA GLY A 493 -20.89 -23.66 5.13
C GLY A 493 -22.40 -23.58 5.18
N THR A 494 -22.94 -23.39 6.39
CA THR A 494 -24.38 -23.40 6.61
C THR A 494 -25.05 -22.33 5.80
N ILE A 495 -24.39 -21.19 5.67
CA ILE A 495 -24.93 -20.06 4.91
C ILE A 495 -24.98 -20.35 3.40
N THR A 496 -23.88 -20.83 2.84
CA THR A 496 -23.78 -20.95 1.37
C THR A 496 -24.32 -22.24 0.80
N ALA A 497 -24.61 -23.23 1.63
CA ALA A 497 -25.11 -24.50 1.11
C ALA A 497 -26.16 -25.07 2.05
N PRO A 498 -27.30 -24.36 2.23
CA PRO A 498 -28.35 -24.74 3.19
C PRO A 498 -28.98 -26.13 2.96
N GLN A 499 -29.36 -26.41 1.72
CA GLN A 499 -29.79 -27.73 1.25
C GLN A 499 -28.87 -28.90 1.68
N ASP A 500 -27.55 -28.69 1.70
CA ASP A 500 -26.61 -29.73 2.14
C ASP A 500 -26.76 -30.05 3.64
N PRO A 501 -26.95 -31.33 3.99
CA PRO A 501 -27.11 -31.72 5.39
C PRO A 501 -25.81 -31.71 6.19
N ASP A 502 -24.68 -31.62 5.51
CA ASP A 502 -23.39 -31.50 6.19
C ASP A 502 -22.81 -30.10 6.10
N ALA A 503 -23.65 -29.12 5.81
CA ALA A 503 -23.20 -27.74 5.72
C ALA A 503 -22.45 -27.30 6.99
N HIS A 504 -22.98 -27.73 8.15
CA HIS A 504 -22.40 -27.41 9.47
C HIS A 504 -20.97 -27.95 9.67
N LEU A 505 -20.48 -28.77 8.75
CA LEU A 505 -19.09 -29.22 8.76
C LEU A 505 -18.16 -28.43 7.86
N ALA A 506 -18.71 -27.54 7.03
CA ALA A 506 -17.93 -26.67 6.14
C ALA A 506 -17.87 -25.22 6.63
N ASN A 507 -17.68 -25.04 7.94
CA ASN A 507 -17.54 -23.72 8.52
C ASN A 507 -16.12 -23.47 8.98
N PHE A 508 -15.65 -22.23 8.80
CA PHE A 508 -14.39 -21.83 9.36
C PHE A 508 -14.49 -21.85 10.87
N ASP A 509 -13.35 -21.92 11.52
CA ASP A 509 -13.27 -22.12 12.96
C ASP A 509 -12.62 -20.97 13.70
N SER A 510 -11.58 -20.40 13.10
CA SER A 510 -10.77 -19.35 13.71
C SER A 510 -10.51 -18.23 12.72
N ILE A 511 -9.88 -17.15 13.20
CA ILE A 511 -9.48 -16.06 12.31
C ILE A 511 -8.03 -15.62 12.49
N ARG A 512 -7.47 -15.07 11.42
CA ARG A 512 -6.19 -14.42 11.48
C ARG A 512 -6.49 -12.96 11.32
N ILE A 513 -6.24 -12.15 12.34
CA ILE A 513 -6.45 -10.71 12.20
C ILE A 513 -5.26 -10.12 11.46
N ASP A 514 -5.56 -9.51 10.31
CA ASP A 514 -4.54 -9.09 9.35
C ASP A 514 -4.29 -7.57 9.39
N ALA A 515 -3.02 -7.18 9.39
CA ALA A 515 -2.63 -5.78 9.40
C ALA A 515 -3.17 -5.09 10.64
N VAL A 516 -2.86 -5.69 11.79
CA VAL A 516 -3.34 -5.20 13.07
C VAL A 516 -2.89 -3.76 13.30
N ASP A 517 -1.65 -3.48 12.84
CA ASP A 517 -1.05 -2.16 12.94
C ASP A 517 -1.55 -1.17 11.89
N ASN A 518 -2.56 -1.54 11.11
CA ASN A 518 -3.10 -0.63 10.09
C ASN A 518 -4.61 -0.45 10.18
N VAL A 519 -5.18 -0.81 11.32
CA VAL A 519 -6.60 -0.69 11.53
C VAL A 519 -6.87 -0.27 12.97
N ASP A 520 -8.08 0.23 13.20
CA ASP A 520 -8.54 0.55 14.54
C ASP A 520 -8.53 -0.72 15.40
N ALA A 521 -7.75 -0.69 16.47
CA ALA A 521 -7.61 -1.84 17.38
C ALA A 521 -8.91 -2.23 18.08
N ASP A 522 -9.93 -1.36 18.02
CA ASP A 522 -11.27 -1.76 18.44
C ASP A 522 -11.69 -3.11 17.85
N LEU A 523 -11.27 -3.40 16.61
CA LEU A 523 -11.61 -4.67 15.97
C LEU A 523 -11.13 -5.91 16.73
N LEU A 524 -9.98 -5.82 17.41
CA LEU A 524 -9.45 -6.95 18.18
C LEU A 524 -10.39 -7.33 19.30
N GLN A 525 -11.01 -6.34 19.92
CA GLN A 525 -12.02 -6.55 20.95
C GLN A 525 -13.34 -7.02 20.35
N ILE A 526 -13.78 -6.38 19.27
CA ILE A 526 -15.02 -6.81 18.59
C ILE A 526 -14.96 -8.32 18.36
N ALA A 527 -13.81 -8.79 17.89
CA ALA A 527 -13.63 -10.19 17.56
C ALA A 527 -13.57 -11.10 18.77
N GLY A 528 -12.81 -10.70 19.78
CA GLY A 528 -12.73 -11.45 21.04
C GLY A 528 -14.08 -11.65 21.71
N ASP A 529 -14.89 -10.59 21.69
CA ASP A 529 -16.27 -10.64 22.17
C ASP A 529 -17.07 -11.68 21.43
N TYR A 530 -16.93 -11.72 20.11
CA TYR A 530 -17.71 -12.62 19.27
C TYR A 530 -17.51 -14.09 19.66
N PHE A 531 -16.26 -14.47 19.90
CA PHE A 531 -15.95 -15.86 20.17
C PHE A 531 -16.35 -16.24 21.60
N LYS A 532 -16.18 -15.33 22.54
CA LYS A 532 -16.76 -15.57 23.86
C LYS A 532 -18.27 -15.79 23.73
N ALA A 533 -18.94 -14.99 22.89
CA ALA A 533 -20.40 -15.08 22.74
C ALA A 533 -20.83 -16.36 22.03
N ALA A 534 -20.19 -16.68 20.92
CA ALA A 534 -20.64 -17.78 20.09
C ALA A 534 -20.18 -19.13 20.61
N TYR A 535 -18.90 -19.24 20.95
CA TYR A 535 -18.33 -20.55 21.30
C TYR A 535 -17.80 -20.64 22.74
N GLN A 536 -18.16 -19.68 23.58
CA GLN A 536 -17.89 -19.76 25.04
C GLN A 536 -16.41 -20.02 25.37
N VAL A 537 -15.54 -19.40 24.59
CA VAL A 537 -14.07 -19.62 24.68
C VAL A 537 -13.46 -19.12 25.99
N GLY A 538 -14.23 -18.38 26.77
CA GLY A 538 -13.73 -17.81 28.01
C GLY A 538 -13.72 -18.76 29.18
N GLU A 539 -14.48 -19.85 29.12
CA GLU A 539 -14.65 -20.68 30.33
C GLU A 539 -13.51 -21.64 30.67
N ASN A 540 -12.74 -22.07 29.69
CA ASN A 540 -11.62 -22.99 29.96
C ASN A 540 -10.67 -23.11 28.80
N ASP A 541 -9.58 -23.83 29.02
CA ASP A 541 -8.67 -24.19 27.93
C ASP A 541 -9.35 -25.01 26.85
N LYS A 542 -10.20 -25.94 27.24
CA LYS A 542 -10.80 -26.85 26.28
C LYS A 542 -11.53 -26.07 25.17
N ASN A 543 -12.33 -25.10 25.57
CA ASN A 543 -13.02 -24.24 24.61
C ASN A 543 -12.11 -23.23 23.93
N ALA A 544 -11.25 -22.57 24.71
CA ALA A 544 -10.32 -21.57 24.20
C ALA A 544 -9.43 -22.17 23.14
N ASN A 545 -8.86 -23.32 23.46
CA ASN A 545 -7.94 -24.00 22.54
C ASN A 545 -8.62 -24.63 21.32
N GLN A 546 -9.95 -24.70 21.33
CA GLN A 546 -10.70 -25.13 20.13
C GLN A 546 -10.84 -24.05 19.04
N HIS A 547 -10.53 -22.79 19.38
CA HIS A 547 -10.58 -21.70 18.43
C HIS A 547 -9.38 -20.82 18.65
N ILE A 548 -8.35 -21.08 17.86
CA ILE A 548 -7.08 -20.41 17.97
C ILE A 548 -6.94 -19.34 16.89
N HIS A 549 -7.01 -18.07 17.30
CA HIS A 549 -6.81 -16.92 16.42
C HIS A 549 -5.39 -16.41 16.56
N ILE A 550 -4.93 -15.62 15.58
CA ILE A 550 -3.58 -15.08 15.59
C ILE A 550 -3.55 -13.66 15.08
N LEU A 551 -2.77 -12.81 15.72
CA LEU A 551 -2.67 -11.41 15.33
C LEU A 551 -1.48 -11.24 14.43
N GLN A 552 -1.64 -10.43 13.39
CA GLN A 552 -0.52 -9.95 12.57
C GLN A 552 -0.02 -8.63 13.19
N ASP A 553 0.60 -8.73 14.36
CA ASP A 553 1.05 -7.56 15.11
C ASP A 553 2.56 -7.49 15.07
N TRP A 554 3.10 -6.59 14.25
CA TRP A 554 4.55 -6.50 14.03
C TRP A 554 5.26 -5.64 15.07
N SER A 555 4.56 -4.60 15.53
CA SER A 555 5.15 -3.62 16.43
C SER A 555 5.48 -4.27 17.77
N PRO A 556 6.66 -3.95 18.34
CA PRO A 556 7.11 -4.57 19.61
C PRO A 556 6.16 -4.40 20.77
N ASN A 557 5.47 -3.28 20.78
CA ASN A 557 4.56 -2.92 21.85
C ASN A 557 3.28 -3.71 21.82
N ASP A 558 2.94 -4.26 20.67
CA ASP A 558 1.65 -4.90 20.53
C ASP A 558 1.55 -6.15 21.41
N VAL A 559 2.67 -6.85 21.63
CA VAL A 559 2.72 -8.06 22.47
C VAL A 559 2.09 -7.84 23.84
N TRP A 560 2.31 -6.63 24.35
CA TRP A 560 1.95 -6.23 25.70
C TRP A 560 0.61 -5.50 25.71
N TYR A 561 0.32 -4.73 24.65
CA TYR A 561 -1.05 -4.26 24.44
C TYR A 561 -1.97 -5.47 24.45
N ASN A 562 -1.59 -6.51 23.71
CA ASN A 562 -2.42 -7.68 23.57
C ASN A 562 -2.71 -8.27 24.92
N GLN A 563 -1.65 -8.48 25.70
CA GLN A 563 -1.76 -9.02 27.07
C GLN A 563 -2.57 -8.13 28.04
N GLN A 564 -2.15 -6.89 28.20
CA GLN A 564 -2.78 -6.05 29.21
C GLN A 564 -4.18 -5.64 28.81
N VAL A 565 -4.29 -5.09 27.61
CA VAL A 565 -5.54 -4.47 27.14
C VAL A 565 -6.53 -5.48 26.54
N ASN A 566 -6.03 -6.48 25.83
CA ASN A 566 -6.90 -7.29 24.96
C ASN A 566 -7.15 -8.71 25.46
N GLY A 567 -6.98 -8.96 26.75
CA GLY A 567 -6.91 -10.34 27.28
C GLY A 567 -5.70 -10.96 26.61
N ASN A 568 -5.83 -12.17 26.09
CA ASN A 568 -4.94 -12.58 25.03
C ASN A 568 -5.88 -13.20 24.05
N SER A 569 -6.91 -12.44 23.68
CA SER A 569 -8.00 -12.94 22.84
C SER A 569 -7.54 -13.47 21.49
N GLN A 570 -6.37 -13.02 21.06
CA GLN A 570 -5.65 -13.60 19.93
C GLN A 570 -4.16 -13.75 20.27
N LEU A 571 -3.49 -14.70 19.61
CA LEU A 571 -2.09 -14.95 19.91
C LEU A 571 -1.17 -13.92 19.26
N THR A 572 -0.27 -13.34 20.03
CA THR A 572 0.78 -12.49 19.46
C THR A 572 1.87 -13.32 18.77
N MET A 573 2.53 -12.74 17.79
CA MET A 573 3.66 -13.39 17.18
C MET A 573 4.87 -13.15 18.06
N ASP A 574 5.75 -14.14 18.17
CA ASP A 574 7.07 -13.89 18.75
C ASP A 574 8.04 -13.53 17.62
N ALA A 575 8.35 -12.24 17.57
CA ALA A 575 9.23 -11.67 16.57
C ALA A 575 10.68 -11.72 17.03
N THR A 576 10.90 -11.81 18.35
CA THR A 576 12.26 -11.93 18.88
C THR A 576 12.83 -13.29 18.50
N MET A 577 11.96 -14.31 18.48
CA MET A 577 12.37 -15.64 18.05
C MET A 577 12.65 -15.60 16.57
N GLN A 578 11.68 -15.14 15.78
CA GLN A 578 11.88 -15.08 14.34
C GLN A 578 13.17 -14.40 13.96
N ASN A 579 13.42 -13.22 14.52
CA ASN A 579 14.62 -12.44 14.18
C ASN A 579 15.91 -13.10 14.63
N GLN A 580 15.86 -13.80 15.75
CA GLN A 580 17.05 -14.47 16.25
C GLN A 580 17.41 -15.67 15.38
N LEU A 581 16.41 -16.47 15.05
CA LEU A 581 16.60 -17.58 14.14
C LEU A 581 17.21 -17.07 12.83
N LEU A 582 16.73 -15.94 12.32
CA LEU A 582 17.23 -15.38 11.07
C LEU A 582 18.65 -14.85 11.19
N ALA A 583 18.90 -14.08 12.25
CA ALA A 583 20.20 -13.45 12.47
C ALA A 583 21.30 -14.43 12.85
N SER A 584 20.95 -15.44 13.66
CA SER A 584 21.96 -16.39 14.08
C SER A 584 22.18 -17.54 13.10
N LEU A 585 21.20 -17.84 12.25
CA LEU A 585 21.27 -19.04 11.37
C LEU A 585 21.17 -18.80 9.86
N THR A 586 20.19 -18.00 9.43
CA THR A 586 19.91 -17.88 8.00
C THR A 586 20.87 -16.95 7.25
N ARG A 587 21.37 -15.90 7.90
CA ARG A 587 22.29 -14.97 7.25
C ARG A 587 23.51 -15.69 6.70
N PRO A 588 24.23 -15.06 5.76
CA PRO A 588 25.57 -15.55 5.37
C PRO A 588 26.58 -15.38 6.50
N ILE A 589 27.77 -15.97 6.37
CA ILE A 589 28.69 -16.00 7.52
C ILE A 589 29.11 -14.60 7.93
N THR A 590 29.26 -13.72 6.95
CA THR A 590 29.66 -12.33 7.19
C THR A 590 28.76 -11.63 8.21
N SER A 591 27.45 -11.84 8.05
CA SER A 591 26.43 -11.10 8.78
C SER A 591 25.89 -11.78 10.05
N ARG A 592 26.36 -13.00 10.35
CA ARG A 592 25.65 -13.90 11.27
C ARG A 592 25.95 -13.68 12.75
N ASP A 593 24.89 -13.69 13.57
CA ASP A 593 25.02 -13.61 15.03
C ASP A 593 25.49 -14.91 15.62
N SER A 594 25.97 -14.84 16.85
CA SER A 594 26.41 -16.03 17.60
C SER A 594 25.22 -16.80 18.12
N MET A 595 25.42 -18.09 18.33
CA MET A 595 24.37 -18.93 18.93
C MET A 595 24.07 -18.52 20.37
N LYS A 596 25.06 -17.96 21.05
CA LYS A 596 24.84 -17.40 22.38
C LYS A 596 23.59 -16.51 22.42
N SER A 597 23.39 -15.71 21.38
CA SER A 597 22.23 -14.82 21.31
C SER A 597 20.91 -15.46 21.69
N PHE A 598 20.79 -16.80 21.58
CA PHE A 598 19.56 -17.49 21.99
C PHE A 598 19.29 -17.54 23.51
N THR A 599 20.28 -17.16 24.34
CA THR A 599 20.12 -17.13 25.79
C THR A 599 19.89 -15.72 26.31
N LYS A 600 19.81 -14.76 25.40
CA LYS A 600 19.82 -13.35 25.78
C LYS A 600 18.53 -12.93 26.46
N ASP A 601 18.51 -11.66 26.89
CA ASP A 601 17.46 -11.15 27.77
C ASP A 601 16.25 -10.57 27.02
N ALA A 602 16.52 -9.94 25.88
CA ALA A 602 15.49 -9.31 25.06
C ALA A 602 14.51 -10.30 24.45
N LEU A 603 14.83 -11.59 24.51
CA LEU A 603 13.91 -12.62 24.07
C LEU A 603 12.64 -12.61 24.91
N LEU A 604 11.52 -12.80 24.22
CA LEU A 604 10.22 -12.75 24.83
C LEU A 604 10.02 -13.84 25.86
N VAL A 605 10.45 -15.05 25.54
CA VAL A 605 10.31 -16.20 26.44
C VAL A 605 11.68 -16.78 26.80
N HIS A 606 12.11 -16.59 28.04
CA HIS A 606 13.38 -17.15 28.50
C HIS A 606 13.29 -18.68 28.60
N ARG A 607 14.12 -19.35 27.82
CA ARG A 607 14.12 -20.81 27.77
C ARG A 607 15.39 -21.49 28.33
N THR A 608 16.25 -20.75 29.01
CA THR A 608 17.44 -21.38 29.58
C THR A 608 17.00 -22.30 30.71
N ALA A 609 15.99 -21.88 31.46
CA ALA A 609 15.43 -22.69 32.55
C ALA A 609 13.91 -22.57 32.62
N ASP A 610 13.27 -22.94 31.51
CA ASP A 610 11.82 -22.97 31.43
C ASP A 610 11.34 -24.24 32.12
N ASN A 611 10.75 -24.07 33.31
CA ASN A 611 10.40 -25.17 34.20
C ASN A 611 9.02 -25.02 34.87
N SER A 612 8.12 -24.26 34.25
CA SER A 612 6.76 -24.06 34.79
C SER A 612 5.76 -24.11 33.64
N TYR A 613 4.48 -23.96 33.96
CA TYR A 613 3.43 -23.77 32.94
C TYR A 613 2.63 -22.53 33.30
N ASN A 614 1.88 -22.01 32.34
CA ASN A 614 1.06 -20.83 32.54
C ASN A 614 1.84 -19.63 33.06
N GLN A 615 3.09 -19.49 32.60
CA GLN A 615 3.91 -18.30 32.89
C GLN A 615 4.19 -17.47 31.64
N ALA A 616 4.62 -18.15 30.59
CA ALA A 616 4.97 -17.49 29.33
C ALA A 616 3.79 -16.74 28.74
N VAL A 617 4.07 -15.75 27.89
CA VAL A 617 2.96 -15.08 27.19
C VAL A 617 2.57 -15.97 26.00
N PRO A 618 1.28 -16.34 25.92
CA PRO A 618 0.85 -17.22 24.83
C PRO A 618 1.22 -16.61 23.49
N ASN A 619 1.84 -17.41 22.63
CA ASN A 619 2.37 -16.90 21.36
C ASN A 619 2.51 -17.94 20.27
N TYR A 620 2.44 -17.50 19.02
CA TYR A 620 2.82 -18.33 17.89
C TYR A 620 4.11 -17.77 17.31
N SER A 621 5.00 -18.66 16.93
CA SER A 621 6.29 -18.28 16.35
C SER A 621 6.50 -18.98 15.02
N PHE A 622 7.20 -18.31 14.12
CA PHE A 622 7.39 -18.83 12.78
C PHE A 622 8.69 -18.30 12.23
N ILE A 623 9.07 -18.79 11.06
CA ILE A 623 10.34 -18.41 10.49
C ILE A 623 10.10 -17.58 9.25
N ARG A 624 9.32 -18.13 8.33
CA ARG A 624 8.95 -17.43 7.11
C ARG A 624 7.44 -17.45 6.96
N ALA A 625 6.93 -16.56 6.10
CA ALA A 625 5.50 -16.47 5.81
C ALA A 625 5.26 -15.96 4.40
N HIS A 626 4.02 -16.10 3.91
CA HIS A 626 3.69 -15.79 2.52
C HIS A 626 4.30 -14.48 2.13
N ASP A 627 4.25 -13.51 3.06
CA ASP A 627 4.85 -12.20 2.86
C ASP A 627 6.24 -12.13 3.45
N SER A 628 6.31 -12.28 4.78
CA SER A 628 7.58 -12.13 5.50
C SER A 628 8.67 -13.10 5.06
N GLU A 629 9.80 -12.55 4.66
CA GLU A 629 10.97 -13.33 4.27
C GLU A 629 10.81 -14.14 2.99
N VAL A 630 9.86 -13.75 2.16
CA VAL A 630 9.64 -14.36 0.85
C VAL A 630 9.53 -13.29 -0.23
N GLN A 631 8.42 -12.54 -0.24
CA GLN A 631 8.16 -11.57 -1.32
C GLN A 631 9.23 -10.48 -1.46
N THR A 632 9.93 -10.21 -0.35
CA THR A 632 11.01 -9.24 -0.27
C THR A 632 12.32 -9.80 -0.81
N ILE A 633 12.46 -11.12 -0.73
CA ILE A 633 13.64 -11.82 -1.30
C ILE A 633 13.49 -11.83 -2.82
N ILE A 634 12.26 -12.00 -3.29
CA ILE A 634 11.96 -12.04 -4.72
C ILE A 634 12.18 -10.64 -5.29
N ALA A 635 11.62 -9.65 -4.61
CA ALA A 635 11.72 -8.24 -5.02
C ALA A 635 13.17 -7.71 -5.07
N LYS A 636 13.99 -8.15 -4.12
CA LYS A 636 15.43 -7.88 -4.16
C LYS A 636 16.04 -8.44 -5.47
N ILE A 637 15.64 -9.64 -5.89
CA ILE A 637 16.16 -10.27 -7.13
C ILE A 637 15.73 -9.53 -8.40
N ILE A 638 14.47 -9.14 -8.46
CA ILE A 638 13.96 -8.29 -9.54
C ILE A 638 14.75 -6.98 -9.60
N SER A 639 14.93 -6.34 -8.45
CA SER A 639 15.64 -5.06 -8.36
C SER A 639 17.12 -5.16 -8.75
N ASP A 640 17.79 -6.23 -8.35
CA ASP A 640 19.20 -6.41 -8.68
C ASP A 640 19.41 -6.71 -10.17
N LYS A 641 18.36 -7.17 -10.85
CA LYS A 641 18.45 -7.48 -12.27
C LYS A 641 18.03 -6.32 -13.17
N HIS A 642 17.18 -5.45 -12.64
CA HIS A 642 16.61 -4.32 -13.40
C HIS A 642 16.53 -3.11 -12.47
N PRO A 643 17.70 -2.60 -12.05
CA PRO A 643 17.75 -1.48 -11.10
C PRO A 643 17.10 -0.25 -11.69
N ASP A 644 17.30 -0.05 -12.99
CA ASP A 644 16.74 1.08 -13.73
C ASP A 644 15.21 1.20 -13.64
N LEU A 645 14.51 0.06 -13.73
CA LEU A 645 13.04 0.04 -13.67
C LEU A 645 12.55 0.02 -12.21
N TYR A 646 13.12 -0.87 -11.40
CA TYR A 646 12.76 -0.99 -9.98
C TYR A 646 14.02 -0.92 -9.11
N PRO A 647 14.36 0.29 -8.59
CA PRO A 647 15.60 0.57 -7.85
C PRO A 647 15.57 0.20 -6.36
N THR A 648 14.40 -0.09 -5.81
CA THR A 648 14.32 -0.64 -4.46
C THR A 648 13.36 -1.82 -4.32
N VAL A 649 13.44 -2.46 -3.17
CA VAL A 649 12.67 -3.64 -2.87
C VAL A 649 11.21 -3.30 -2.67
N ASP A 650 10.95 -2.17 -2.03
CA ASP A 650 9.59 -1.67 -1.87
C ASP A 650 8.96 -1.32 -3.24
N LYS A 651 9.74 -0.73 -4.12
CA LYS A 651 9.24 -0.40 -5.45
C LYS A 651 9.09 -1.62 -6.33
N ALA A 652 9.89 -2.66 -6.06
CA ALA A 652 9.84 -3.91 -6.81
C ALA A 652 8.57 -4.73 -6.50
N LEU A 653 7.96 -4.47 -5.34
CA LEU A 653 6.64 -5.03 -5.02
C LEU A 653 5.52 -4.50 -5.90
N LEU A 654 5.81 -3.47 -6.69
CA LEU A 654 4.89 -3.00 -7.73
C LEU A 654 5.14 -3.60 -9.13
N ALA A 655 6.20 -4.42 -9.26
CA ALA A 655 6.45 -5.13 -10.52
C ALA A 655 5.20 -5.95 -10.91
N LYS A 656 4.87 -5.92 -12.20
CA LYS A 656 3.68 -6.62 -12.67
C LYS A 656 3.90 -7.52 -13.88
N ASP A 657 5.05 -7.45 -14.53
CA ASP A 657 5.32 -8.27 -15.72
C ASP A 657 5.72 -9.70 -15.35
N SER A 658 4.88 -10.65 -15.74
CA SER A 658 5.11 -12.07 -15.47
C SER A 658 6.50 -12.55 -15.87
N ALA A 659 7.07 -11.95 -16.91
CA ALA A 659 8.42 -12.29 -17.36
C ALA A 659 9.48 -11.98 -16.30
N LEU A 660 9.26 -10.89 -15.57
CA LEU A 660 10.20 -10.45 -14.53
C LEU A 660 10.26 -11.40 -13.34
N TYR A 661 9.11 -11.97 -13.01
CA TYR A 661 9.01 -12.96 -11.94
C TYR A 661 9.65 -14.29 -12.36
N ASP A 662 9.22 -14.84 -13.49
CA ASP A 662 9.78 -16.11 -14.00
C ASP A 662 11.28 -16.07 -13.94
N GLU A 663 11.82 -14.95 -14.41
CA GLU A 663 13.24 -14.73 -14.42
C GLU A 663 13.81 -14.74 -13.03
N ALA A 664 13.22 -13.94 -12.15
CA ALA A 664 13.69 -13.87 -10.79
C ALA A 664 13.61 -15.23 -10.14
N PHE A 665 12.58 -15.99 -10.45
CA PHE A 665 12.37 -17.25 -9.78
C PHE A 665 13.35 -18.31 -10.21
N THR A 666 13.67 -18.40 -11.49
CA THR A 666 14.70 -19.36 -11.89
C THR A 666 16.01 -19.09 -11.13
N GLU A 667 16.26 -17.85 -10.75
CA GLU A 667 17.43 -17.50 -9.95
C GLU A 667 17.21 -17.93 -8.51
N TYR A 668 16.08 -17.53 -7.95
CA TYR A 668 15.69 -17.92 -6.59
C TYR A 668 15.82 -19.43 -6.37
N ASN A 669 15.21 -20.21 -7.27
CA ASN A 669 15.23 -21.67 -7.18
C ASN A 669 16.63 -22.22 -7.36
N ALA A 670 17.41 -21.65 -8.29
CA ALA A 670 18.78 -22.11 -8.50
C ALA A 670 19.65 -21.85 -7.27
N ASP A 671 19.43 -20.73 -6.59
CA ASP A 671 20.22 -20.35 -5.43
C ASP A 671 19.95 -21.29 -4.26
N MET A 672 18.69 -21.68 -4.12
CA MET A 672 18.28 -22.60 -3.06
C MET A 672 19.01 -23.94 -3.18
N GLN A 673 19.35 -24.36 -4.41
CA GLN A 673 20.06 -25.63 -4.67
C GLN A 673 21.56 -25.54 -4.42
N LYS A 674 22.07 -24.33 -4.21
CA LYS A 674 23.50 -24.15 -4.02
C LYS A 674 23.94 -24.43 -2.61
N ILE A 675 25.20 -24.84 -2.49
CA ILE A 675 25.86 -25.04 -1.20
C ILE A 675 25.76 -23.74 -0.38
N SER A 676 25.79 -23.84 0.96
CA SER A 676 25.54 -22.69 1.86
C SER A 676 26.51 -21.53 1.64
N SER A 677 27.79 -21.84 1.45
CA SER A 677 28.80 -20.82 1.22
C SER A 677 28.59 -20.04 -0.07
N GLN A 678 27.80 -20.59 -1.01
CA GLN A 678 27.48 -19.90 -2.25
C GLN A 678 26.00 -19.60 -2.38
N LYS A 679 25.31 -19.52 -1.24
CA LYS A 679 23.90 -19.09 -1.19
C LYS A 679 23.86 -17.58 -1.19
N GLN A 680 23.63 -17.01 -2.35
CA GLN A 680 23.73 -15.59 -2.53
C GLN A 680 22.43 -14.83 -2.10
N TYR A 681 21.29 -15.52 -2.09
CA TYR A 681 19.99 -14.85 -1.92
C TYR A 681 19.05 -15.47 -0.88
N THR A 682 19.17 -16.77 -0.68
CA THR A 682 18.20 -17.56 0.07
C THR A 682 18.78 -18.02 1.41
N HIS A 683 17.92 -18.49 2.31
CA HIS A 683 18.31 -18.73 3.71
C HIS A 683 19.21 -19.96 3.95
N ASN A 684 20.18 -19.82 4.85
CA ASN A 684 20.99 -20.95 5.30
C ASN A 684 20.31 -21.66 6.46
N ASN A 685 20.73 -22.89 6.73
CA ASN A 685 20.36 -23.57 7.97
C ASN A 685 18.86 -23.74 8.23
N MET A 686 18.07 -23.78 7.18
CA MET A 686 16.64 -23.81 7.37
C MET A 686 16.17 -24.97 8.24
N PRO A 687 16.74 -26.17 8.07
CA PRO A 687 16.36 -27.27 8.97
C PRO A 687 16.83 -27.04 10.39
N SER A 688 18.01 -26.47 10.54
CA SER A 688 18.49 -26.13 11.86
C SER A 688 17.50 -25.20 12.57
N ALA A 689 17.05 -24.17 11.87
CA ALA A 689 16.07 -23.24 12.44
C ALA A 689 14.80 -23.99 12.80
N TYR A 690 14.27 -24.74 11.85
CA TYR A 690 13.06 -25.53 12.08
C TYR A 690 13.20 -26.55 13.20
N ALA A 691 14.42 -27.04 13.44
CA ALA A 691 14.66 -27.95 14.56
C ALA A 691 14.48 -27.22 15.89
N ILE A 692 15.04 -26.03 16.01
CA ILE A 692 14.85 -25.23 17.22
C ILE A 692 13.39 -24.81 17.39
N LEU A 693 12.76 -24.38 16.30
CA LEU A 693 11.41 -23.88 16.37
C LEU A 693 10.45 -24.96 16.79
N LEU A 694 10.61 -26.14 16.21
CA LEU A 694 9.65 -27.21 16.43
C LEU A 694 9.89 -27.94 17.73
N THR A 695 11.07 -27.77 18.33
CA THR A 695 11.38 -28.36 19.65
C THR A 695 11.29 -27.35 20.78
N ASN A 696 10.91 -26.12 20.48
CA ASN A 696 10.84 -25.12 21.51
C ASN A 696 9.60 -25.25 22.35
N LYS A 697 9.74 -24.88 23.60
CA LYS A 697 8.63 -24.85 24.52
C LYS A 697 7.95 -23.48 24.53
N ASP A 698 6.68 -23.47 24.91
CA ASP A 698 5.85 -22.26 25.08
C ASP A 698 5.65 -21.43 23.80
N THR A 699 5.16 -22.08 22.76
CA THR A 699 4.88 -21.39 21.50
C THR A 699 4.06 -22.32 20.62
N VAL A 700 3.31 -21.74 19.68
CA VAL A 700 2.61 -22.51 18.68
C VAL A 700 3.31 -22.25 17.37
N PRO A 701 4.10 -23.20 16.90
CA PRO A 701 4.85 -22.93 15.68
C PRO A 701 3.98 -22.79 14.42
N ARG A 702 4.46 -22.05 13.44
CA ARG A 702 3.80 -22.07 12.16
C ARG A 702 4.80 -22.41 11.05
N VAL A 703 4.38 -23.36 10.24
CA VAL A 703 5.17 -23.84 9.13
C VAL A 703 4.71 -23.17 7.83
N TYR A 704 5.65 -22.72 7.00
CA TYR A 704 5.33 -22.08 5.73
C TYR A 704 5.44 -23.07 4.57
N TYR A 705 4.33 -23.25 3.85
CA TYR A 705 4.27 -24.10 2.66
C TYR A 705 5.57 -24.07 1.86
N GLY A 706 6.10 -22.87 1.68
CA GLY A 706 7.34 -22.67 0.91
C GLY A 706 8.66 -23.18 1.46
N ASP A 707 8.62 -23.73 2.67
CA ASP A 707 9.79 -24.38 3.23
C ASP A 707 9.72 -25.88 3.00
N LEU A 708 8.52 -26.41 2.76
CA LEU A 708 8.35 -27.80 2.34
C LEU A 708 8.32 -27.91 0.83
N PHE A 709 7.53 -27.07 0.20
CA PHE A 709 7.42 -27.04 -1.23
C PHE A 709 7.98 -25.74 -1.77
N THR A 710 8.26 -25.69 -3.05
CA THR A 710 8.88 -24.52 -3.62
C THR A 710 7.85 -23.41 -3.62
N ASP A 711 8.33 -22.19 -3.40
CA ASP A 711 7.46 -21.00 -3.30
C ASP A 711 6.66 -20.74 -4.56
N ASN A 712 7.24 -21.14 -5.69
CA ASN A 712 6.58 -21.02 -6.98
C ASN A 712 6.15 -22.37 -7.53
N GLY A 713 5.61 -22.36 -8.73
CA GLY A 713 5.14 -23.59 -9.35
C GLY A 713 3.89 -24.14 -8.66
N GLU A 714 3.44 -25.30 -9.12
CA GLU A 714 2.18 -25.94 -8.72
C GLU A 714 2.05 -26.23 -7.23
N TYR A 715 0.82 -26.21 -6.70
CA TYR A 715 0.60 -26.38 -5.23
C TYR A 715 0.99 -27.78 -4.81
N MET A 716 1.99 -27.84 -3.93
CA MET A 716 2.54 -29.08 -3.36
C MET A 716 3.26 -29.91 -4.40
N ALA A 717 3.67 -29.31 -5.52
CA ALA A 717 4.21 -30.11 -6.63
C ALA A 717 5.72 -30.34 -6.60
N ASN A 718 6.49 -29.48 -5.95
CA ASN A 718 7.94 -29.68 -5.86
C ASN A 718 8.49 -29.42 -4.50
N LYS A 719 9.33 -30.33 -4.04
CA LYS A 719 9.82 -30.24 -2.68
C LYS A 719 11.05 -29.36 -2.63
N THR A 720 11.25 -28.70 -1.49
CA THR A 720 12.49 -28.00 -1.25
C THR A 720 13.54 -29.03 -0.84
N PRO A 721 14.81 -28.61 -0.73
CA PRO A 721 15.85 -29.43 -0.12
C PRO A 721 15.61 -29.81 1.35
N TYR A 722 14.67 -29.16 2.01
CA TYR A 722 14.50 -29.32 3.45
C TYR A 722 13.33 -30.23 3.86
N TYR A 723 12.52 -30.65 2.87
CA TYR A 723 11.31 -31.45 3.09
C TYR A 723 11.57 -32.65 4.00
N ASP A 724 12.62 -33.39 3.71
CA ASP A 724 12.92 -34.61 4.49
C ASP A 724 13.15 -34.25 5.93
N ALA A 725 14.08 -33.33 6.13
CA ALA A 725 14.45 -32.87 7.47
C ALA A 725 13.28 -32.26 8.25
N ILE A 726 12.51 -31.40 7.59
CA ILE A 726 11.42 -30.71 8.27
C ILE A 726 10.26 -31.64 8.57
N THR A 727 9.86 -32.46 7.61
CA THR A 727 8.78 -33.39 7.88
C THR A 727 9.18 -34.40 8.96
N SER A 728 10.46 -34.76 9.02
CA SER A 728 10.95 -35.69 10.05
C SER A 728 10.76 -35.10 11.42
N LEU A 729 11.22 -33.86 11.58
CA LEU A 729 10.99 -33.09 12.80
C LEU A 729 9.51 -33.00 13.16
N LEU A 730 8.67 -32.74 12.16
CA LEU A 730 7.24 -32.51 12.41
C LEU A 730 6.52 -33.72 12.98
N THR A 731 6.85 -34.91 12.49
CA THR A 731 6.27 -36.14 13.01
C THR A 731 6.90 -36.47 14.34
N ALA A 732 8.21 -36.26 14.44
CA ALA A 732 8.94 -36.50 15.68
C ALA A 732 8.44 -35.63 16.85
N ARG A 733 8.00 -34.42 16.53
CA ARG A 733 7.42 -33.53 17.54
C ARG A 733 6.22 -34.19 18.19
N THR A 734 5.41 -34.84 17.36
CA THR A 734 4.25 -35.60 17.80
C THR A 734 4.57 -36.64 18.87
N LYS A 735 5.71 -37.31 18.73
CA LYS A 735 6.02 -38.47 19.56
C LYS A 735 6.85 -38.15 20.79
N PHE A 736 7.80 -37.22 20.68
CA PHE A 736 8.83 -37.03 21.73
C PHE A 736 8.86 -35.72 22.51
N VAL A 737 8.47 -34.63 21.86
CA VAL A 737 8.69 -33.29 22.41
C VAL A 737 7.69 -32.94 23.51
N SER A 738 8.14 -32.94 24.76
CA SER A 738 7.29 -32.57 25.89
C SER A 738 8.14 -32.25 27.11
N GLY A 739 7.49 -31.73 28.15
CA GLY A 739 8.17 -31.44 29.42
C GLY A 739 8.93 -30.13 29.44
N GLY A 740 9.70 -29.93 30.50
CA GLY A 740 10.50 -28.72 30.67
C GLY A 740 11.53 -28.52 29.56
N GLN A 741 12.23 -27.39 29.60
CA GLN A 741 13.30 -27.12 28.63
C GLN A 741 14.49 -26.41 29.23
N SER A 742 15.65 -26.64 28.61
CA SER A 742 16.86 -25.85 28.90
C SER A 742 17.78 -25.68 27.67
N LEU A 743 18.19 -24.43 27.42
CA LEU A 743 19.20 -24.07 26.40
C LEU A 743 20.56 -23.74 26.97
N SER A 744 21.60 -24.14 26.25
CA SER A 744 22.98 -23.86 26.61
C SER A 744 23.78 -23.54 25.38
N VAL A 745 24.96 -22.99 25.60
CA VAL A 745 25.94 -22.79 24.55
C VAL A 745 27.30 -22.88 25.19
N ASP A 746 28.03 -23.94 24.85
CA ASP A 746 29.35 -24.17 25.44
C ASP A 746 30.41 -23.16 24.96
N LYS A 747 31.61 -23.25 25.53
CA LYS A 747 32.75 -22.40 25.12
C LYS A 747 32.96 -22.31 23.61
N ASN A 748 32.52 -23.33 22.87
CA ASN A 748 32.65 -23.36 21.42
C ASN A 748 31.49 -22.78 20.63
N ASP A 749 30.48 -22.28 21.32
CA ASP A 749 29.27 -21.67 20.69
C ASP A 749 28.40 -22.73 20.03
N VAL A 750 28.20 -23.86 20.72
CA VAL A 750 27.34 -24.93 20.23
C VAL A 750 26.08 -25.00 21.08
N LEU A 751 24.96 -24.70 20.45
CA LEU A 751 23.68 -24.65 21.13
C LEU A 751 23.20 -26.06 21.39
N THR A 752 22.70 -26.26 22.61
CA THR A 752 22.10 -27.53 22.96
C THR A 752 20.77 -27.24 23.64
N SER A 753 19.68 -27.57 22.95
CA SER A 753 18.33 -27.40 23.47
C SER A 753 17.80 -28.79 23.87
N VAL A 754 17.25 -28.88 25.08
CA VAL A 754 16.76 -30.15 25.60
C VAL A 754 15.33 -30.01 26.04
N ARG A 755 14.51 -31.00 25.68
CA ARG A 755 13.22 -31.18 26.33
C ARG A 755 13.29 -32.45 27.17
N TYR A 756 12.81 -32.36 28.39
CA TYR A 756 12.99 -33.42 29.37
C TYR A 756 12.01 -34.58 29.24
N GLY A 757 10.94 -34.34 28.52
CA GLY A 757 9.86 -35.32 28.41
C GLY A 757 8.76 -35.05 29.43
N LYS A 758 7.56 -35.52 29.10
CA LYS A 758 6.38 -35.26 29.89
C LYS A 758 6.49 -35.75 31.32
N GLY A 759 6.14 -34.86 32.24
CA GLY A 759 6.17 -35.15 33.65
C GLY A 759 7.45 -34.67 34.34
N ALA A 760 8.44 -34.29 33.53
CA ALA A 760 9.70 -33.79 34.05
C ALA A 760 9.91 -32.34 33.59
N LEU A 761 10.08 -31.42 34.54
CA LEU A 761 10.24 -30.00 34.22
C LEU A 761 11.65 -29.45 34.38
N SER A 762 12.56 -30.23 34.97
CA SER A 762 13.98 -29.83 35.11
C SER A 762 14.89 -31.03 34.91
N ALA A 763 16.20 -30.82 34.94
CA ALA A 763 17.18 -31.94 34.84
C ALA A 763 17.29 -32.81 36.12
N THR A 764 16.93 -32.23 37.26
CA THR A 764 16.93 -32.89 38.55
C THR A 764 15.57 -33.49 38.91
N ASP A 765 14.64 -33.49 37.96
CA ASP A 765 13.30 -34.00 38.18
C ASP A 765 13.25 -35.47 37.77
N ASN A 766 12.75 -36.32 38.68
CA ASN A 766 12.69 -37.75 38.43
C ASN A 766 11.55 -38.17 37.50
N GLY A 767 10.55 -37.30 37.36
CA GLY A 767 9.53 -37.49 36.33
C GLY A 767 8.37 -38.39 36.71
N SER A 768 7.57 -38.73 35.70
CA SER A 768 6.38 -39.55 35.84
C SER A 768 6.65 -40.84 35.10
N SER A 769 5.60 -41.65 34.93
CA SER A 769 5.70 -42.83 34.08
C SER A 769 5.89 -42.48 32.60
N ASP A 770 5.48 -41.27 32.20
CA ASP A 770 5.55 -40.80 30.81
C ASP A 770 6.94 -40.33 30.38
N THR A 771 7.76 -39.94 31.32
CA THR A 771 9.03 -39.29 31.02
C THR A 771 10.04 -40.14 30.25
N ARG A 772 10.13 -41.43 30.57
CA ARG A 772 11.28 -42.24 30.17
C ARG A 772 11.57 -42.24 28.68
N ASN A 773 10.56 -42.53 27.87
CA ASN A 773 10.68 -42.63 26.40
C ASN A 773 10.33 -41.34 25.63
N GLN A 774 10.24 -40.23 26.34
CA GLN A 774 9.99 -38.95 25.70
C GLN A 774 11.19 -38.04 25.93
N GLY A 775 11.08 -36.82 25.44
CA GLY A 775 12.07 -35.79 25.73
C GLY A 775 13.21 -35.83 24.73
N ILE A 776 13.11 -34.98 23.72
CA ILE A 776 14.12 -34.82 22.67
C ILE A 776 15.36 -34.04 23.12
N GLY A 777 16.40 -34.07 22.30
CA GLY A 777 17.60 -33.25 22.52
C GLY A 777 18.27 -32.79 21.22
N VAL A 778 18.55 -31.48 21.09
CA VAL A 778 19.00 -30.83 19.82
C VAL A 778 20.38 -30.22 19.90
N ILE A 779 21.16 -30.41 18.85
CA ILE A 779 22.51 -29.85 18.78
C ILE A 779 22.64 -28.99 17.53
N VAL A 780 23.00 -27.72 17.71
CA VAL A 780 23.17 -26.79 16.58
C VAL A 780 24.41 -25.92 16.69
N SER A 781 25.27 -26.00 15.68
CA SER A 781 26.35 -25.05 15.48
C SER A 781 26.15 -24.32 14.16
N ASN A 782 26.66 -23.09 14.10
CA ASN A 782 26.52 -22.22 12.92
C ASN A 782 27.84 -21.82 12.31
N ASN A 783 28.87 -22.61 12.59
CA ASN A 783 30.22 -22.30 12.19
C ASN A 783 30.77 -23.35 11.23
N PRO A 784 30.88 -23.03 9.92
CA PRO A 784 31.30 -24.02 8.92
C PRO A 784 32.70 -24.59 9.07
N ASN A 785 33.50 -24.07 9.99
CA ASN A 785 34.82 -24.63 10.28
C ASN A 785 35.01 -25.04 11.75
N LEU A 786 33.89 -25.32 12.41
CA LEU A 786 33.91 -25.80 13.77
C LEU A 786 34.93 -26.92 13.84
N ASP A 787 35.94 -26.73 14.65
CA ASP A 787 36.93 -27.77 14.88
C ASP A 787 37.05 -27.93 16.38
N LEU A 788 36.40 -28.95 16.92
CA LEU A 788 36.33 -29.11 18.36
C LEU A 788 37.71 -29.13 19.04
N ASN A 789 38.64 -29.93 18.52
CA ASN A 789 40.04 -29.95 18.98
C ASN A 789 40.20 -30.36 20.46
N ASN A 790 39.80 -31.59 20.75
CA ASN A 790 39.85 -32.21 22.10
C ASN A 790 38.70 -31.82 23.03
N ASP A 791 37.81 -30.94 22.57
CA ASP A 791 36.62 -30.55 23.34
C ASP A 791 35.44 -31.46 23.04
N LYS A 792 34.45 -31.38 23.92
CA LYS A 792 33.30 -32.27 23.89
C LYS A 792 32.05 -31.43 23.87
N VAL A 793 31.05 -31.89 23.17
CA VAL A 793 29.72 -31.31 23.26
C VAL A 793 28.95 -32.21 24.19
N THR A 794 28.08 -31.62 25.01
CA THR A 794 27.30 -32.39 25.97
C THR A 794 25.82 -32.08 25.87
N LEU A 795 25.00 -33.12 25.78
CA LEU A 795 23.56 -32.98 25.86
C LEU A 795 23.08 -33.45 27.22
N SER A 796 22.94 -32.56 28.18
CA SER A 796 22.40 -32.96 29.48
C SER A 796 20.88 -33.14 29.34
N MET A 797 20.50 -34.37 29.03
CA MET A 797 19.13 -34.81 29.23
C MET A 797 18.98 -34.93 30.75
N GLY A 798 17.78 -35.18 31.22
CA GLY A 798 17.55 -35.27 32.66
C GLY A 798 18.33 -36.35 33.43
N ILE A 799 18.21 -36.31 34.74
CA ILE A 799 18.59 -37.45 35.54
C ILE A 799 17.52 -38.52 35.39
N SER A 800 16.36 -38.12 34.90
CA SER A 800 15.32 -39.06 34.47
C SER A 800 15.69 -39.77 33.16
N HIS A 801 16.87 -39.50 32.61
CA HIS A 801 17.35 -40.16 31.40
C HIS A 801 18.78 -40.71 31.56
N ALA A 802 19.12 -41.14 32.78
CA ALA A 802 20.43 -41.71 33.03
C ALA A 802 20.44 -43.15 32.56
N HIS A 803 21.63 -43.64 32.22
CA HIS A 803 21.79 -45.02 31.77
C HIS A 803 20.74 -45.41 30.75
N GLN A 804 20.59 -44.61 29.71
CA GLN A 804 19.54 -44.83 28.72
C GLN A 804 20.10 -44.77 27.31
N ALA A 805 19.60 -45.63 26.43
CA ALA A 805 20.10 -45.66 25.07
C ALA A 805 19.37 -44.60 24.26
N TYR A 806 20.14 -43.88 23.45
CA TYR A 806 19.62 -42.85 22.56
C TYR A 806 20.02 -43.15 21.12
N ARG A 807 19.27 -42.59 20.18
CA ARG A 807 19.52 -42.78 18.74
C ARG A 807 19.18 -41.51 17.94
N PRO A 808 19.81 -41.34 16.77
CA PRO A 808 19.61 -40.09 16.08
C PRO A 808 18.32 -40.05 15.27
N LEU A 809 17.67 -38.88 15.24
CA LEU A 809 16.58 -38.56 14.34
C LEU A 809 17.14 -37.87 13.09
N LEU A 810 17.95 -36.84 13.32
CA LEU A 810 18.63 -36.11 12.25
C LEU A 810 20.13 -36.07 12.49
N LEU A 811 20.92 -36.17 11.43
CA LEU A 811 22.38 -36.03 11.49
C LEU A 811 22.91 -35.36 10.23
N THR A 812 23.99 -34.58 10.34
CA THR A 812 24.55 -33.94 9.13
C THR A 812 25.84 -34.62 8.71
N ASN A 813 25.99 -34.87 7.41
CA ASN A 813 27.28 -35.25 6.86
C ASN A 813 27.48 -34.51 5.56
N SER A 814 28.68 -34.63 4.97
CA SER A 814 29.01 -33.91 3.74
C SER A 814 27.99 -34.09 2.61
N GLN A 815 27.25 -35.19 2.62
CA GLN A 815 26.17 -35.39 1.65
C GLN A 815 24.89 -34.62 1.99
N GLY A 816 24.64 -34.32 3.26
CA GLY A 816 23.53 -33.43 3.61
C GLY A 816 23.05 -33.59 5.03
N ILE A 817 21.80 -34.03 5.18
CA ILE A 817 21.22 -34.39 6.46
C ILE A 817 20.55 -35.75 6.35
N VAL A 818 20.85 -36.67 7.28
CA VAL A 818 20.21 -37.98 7.32
C VAL A 818 19.04 -37.92 8.28
N ALA A 819 17.95 -38.52 7.90
CA ALA A 819 16.80 -38.58 8.77
C ALA A 819 16.45 -40.02 9.00
N TYR A 820 16.52 -40.44 10.26
CA TYR A 820 16.07 -41.75 10.68
C TYR A 820 14.66 -41.61 11.25
N ALA A 821 13.75 -42.44 10.76
CA ALA A 821 12.33 -42.32 11.06
C ALA A 821 11.82 -43.38 12.05
N THR A 822 12.61 -44.43 12.31
CA THR A 822 12.31 -45.41 13.36
C THR A 822 13.59 -45.92 14.03
N ASP A 823 13.44 -46.52 15.20
CA ASP A 823 14.59 -47.08 15.87
C ASP A 823 15.33 -48.01 14.91
N SER A 824 14.57 -48.81 14.16
CA SER A 824 15.15 -49.88 13.35
C SER A 824 15.92 -49.44 12.10
N GLU A 825 15.73 -48.19 11.65
CA GLU A 825 16.47 -47.65 10.48
C GLU A 825 17.89 -47.23 10.84
N VAL A 826 18.14 -47.12 12.14
CA VAL A 826 19.42 -46.67 12.64
C VAL A 826 20.34 -47.85 12.72
N PRO A 827 21.52 -47.75 12.11
CA PRO A 827 22.52 -48.80 12.29
C PRO A 827 23.02 -48.82 13.72
N GLN A 828 23.16 -50.02 14.26
CA GLN A 828 23.40 -50.20 15.68
C GLN A 828 24.55 -49.35 16.25
N ASN A 829 25.60 -49.11 15.48
CA ASN A 829 26.79 -48.32 15.93
C ASN A 829 26.52 -46.85 16.27
N LEU A 830 25.61 -46.22 15.53
CA LEU A 830 25.19 -44.86 15.78
C LEU A 830 24.45 -44.64 17.09
N TYR A 831 23.81 -45.69 17.60
CA TYR A 831 23.18 -45.63 18.92
C TYR A 831 24.26 -45.11 19.85
N LYS A 832 23.86 -44.34 20.85
CA LYS A 832 24.74 -44.08 21.97
C LYS A 832 23.94 -43.88 23.25
N THR A 833 24.57 -44.17 24.38
CA THR A 833 23.90 -44.33 25.66
C THR A 833 24.34 -43.31 26.69
N THR A 834 23.38 -42.66 27.36
CA THR A 834 23.71 -41.63 28.34
C THR A 834 24.47 -42.23 29.47
N ASN A 835 25.27 -41.41 30.13
CA ASN A 835 25.93 -41.82 31.37
C ASN A 835 24.96 -41.66 32.55
N ASP A 836 25.49 -41.68 33.77
CA ASP A 836 24.67 -41.67 35.00
C ASP A 836 24.00 -40.34 35.34
N LYS A 837 24.50 -39.25 34.78
CA LYS A 837 23.85 -37.94 34.93
C LYS A 837 22.85 -37.68 33.79
N GLY A 838 22.76 -38.64 32.87
CA GLY A 838 21.90 -38.48 31.71
C GLY A 838 22.54 -37.54 30.71
N GLU A 839 23.85 -37.67 30.53
CA GLU A 839 24.60 -36.85 29.59
C GLU A 839 25.06 -37.66 28.40
N LEU A 840 24.91 -37.08 27.22
CA LEU A 840 25.56 -37.60 26.02
C LEU A 840 26.77 -36.77 25.78
N THR A 841 27.82 -37.41 25.28
CA THR A 841 29.09 -36.74 25.11
C THR A 841 29.71 -36.97 23.75
N PHE A 842 29.87 -35.88 23.02
CA PHE A 842 30.27 -35.96 21.63
C PHE A 842 31.74 -35.54 21.42
N ASP A 843 32.43 -36.28 20.55
CA ASP A 843 33.83 -36.07 20.19
C ASP A 843 33.98 -35.22 18.94
N ALA A 844 35.21 -34.82 18.66
CA ALA A 844 35.56 -34.24 17.34
C ALA A 844 35.38 -35.26 16.22
N SER A 845 35.48 -36.54 16.56
CA SER A 845 35.14 -37.63 15.65
C SER A 845 33.68 -37.64 15.22
N GLU A 846 32.82 -36.92 15.94
CA GLU A 846 31.38 -36.85 15.65
C GLU A 846 30.93 -35.48 15.13
N ILE A 847 31.29 -34.43 15.85
CA ILE A 847 30.82 -33.10 15.55
C ILE A 847 31.96 -32.25 14.98
N LYS A 848 31.73 -31.75 13.76
CA LYS A 848 32.65 -30.84 13.10
C LYS A 848 31.87 -29.80 12.30
N GLY A 849 32.60 -28.90 11.65
CA GLY A 849 31.99 -27.88 10.80
C GLY A 849 31.65 -28.46 9.45
N TYR A 850 30.58 -27.94 8.84
CA TYR A 850 30.16 -28.36 7.51
C TYR A 850 29.68 -27.21 6.67
N ASP A 851 29.60 -27.44 5.37
CA ASP A 851 29.08 -26.48 4.40
C ASP A 851 28.37 -27.27 3.29
N THR A 852 27.06 -27.47 3.42
CA THR A 852 26.25 -28.19 2.41
C THR A 852 25.20 -27.24 1.84
N VAL A 853 24.13 -27.77 1.24
CA VAL A 853 23.00 -26.95 0.82
C VAL A 853 22.13 -26.56 2.03
N GLN A 854 22.15 -27.39 3.06
CA GLN A 854 21.14 -27.35 4.11
C GLN A 854 21.67 -27.04 5.49
N THR A 855 22.93 -26.68 5.57
CA THR A 855 23.54 -26.55 6.86
C THR A 855 24.95 -25.96 6.64
N SER A 856 25.18 -24.80 7.24
CA SER A 856 26.54 -24.30 7.46
C SER A 856 26.73 -24.43 8.97
N GLY A 857 27.68 -25.27 9.39
CA GLY A 857 27.78 -25.68 10.79
C GLY A 857 27.37 -27.13 10.92
N TYR A 858 26.77 -27.49 12.06
CA TYR A 858 26.34 -28.86 12.34
C TYR A 858 24.87 -28.87 12.77
N LEU A 859 24.21 -30.02 12.58
CA LEU A 859 22.89 -30.22 13.13
C LEU A 859 22.72 -31.68 13.51
N ALA A 860 22.14 -31.90 14.68
CA ALA A 860 21.80 -33.23 15.13
C ALA A 860 20.63 -33.19 16.10
N VAL A 861 19.81 -34.20 16.02
CA VAL A 861 18.65 -34.32 16.87
C VAL A 861 18.72 -35.76 17.35
N TRP A 862 18.56 -35.94 18.65
CA TRP A 862 18.60 -37.27 19.25
C TRP A 862 17.32 -37.55 20.02
N VAL A 863 16.81 -38.75 19.87
CA VAL A 863 15.59 -39.16 20.55
C VAL A 863 15.87 -40.42 21.36
N PRO A 864 15.07 -40.67 22.41
CA PRO A 864 15.29 -41.87 23.20
C PRO A 864 14.81 -43.16 22.50
N VAL A 865 15.61 -44.20 22.63
CA VAL A 865 15.29 -45.47 22.00
C VAL A 865 14.12 -46.12 22.70
N GLY A 866 13.27 -46.80 21.93
CA GLY A 866 12.27 -47.69 22.48
C GLY A 866 10.88 -47.09 22.59
N ALA A 867 10.63 -46.00 21.88
CA ALA A 867 9.30 -45.43 21.87
C ALA A 867 8.33 -46.37 21.15
N SER A 868 7.05 -46.33 21.51
CA SER A 868 6.02 -47.14 20.84
C SER A 868 5.25 -46.40 19.74
N ASP A 869 4.45 -47.13 18.98
CA ASP A 869 3.63 -46.49 17.97
C ASP A 869 2.45 -45.72 18.59
N GLU A 870 1.92 -46.25 19.69
CA GLU A 870 0.84 -45.59 20.44
C GLU A 870 1.29 -44.25 20.97
N GLN A 871 2.57 -44.16 21.34
CA GLN A 871 3.09 -42.98 22.02
C GLN A 871 2.87 -41.68 21.29
N ASP A 872 2.37 -40.72 22.05
CA ASP A 872 2.06 -39.37 21.57
C ASP A 872 2.37 -38.42 22.71
N ALA A 873 3.23 -37.43 22.48
CA ALA A 873 3.74 -36.61 23.59
C ALA A 873 2.79 -35.48 24.01
N ARG A 874 1.70 -35.29 23.27
CA ARG A 874 0.88 -34.10 23.46
C ARG A 874 0.00 -34.20 24.68
N THR A 875 -0.68 -33.11 25.01
CA THR A 875 -1.48 -33.05 26.22
C THR A 875 -2.90 -32.53 25.93
N ILE A 876 -3.90 -33.05 26.66
CA ILE A 876 -5.30 -32.66 26.45
C ILE A 876 -5.61 -31.39 27.24
N ALA A 877 -6.45 -30.52 26.69
CA ALA A 877 -6.78 -29.25 27.34
C ALA A 877 -7.59 -29.45 28.63
N SER A 878 -7.33 -28.62 29.63
CA SER A 878 -8.10 -28.65 30.86
C SER A 878 -9.51 -28.09 30.72
N THR A 879 -10.46 -28.66 31.47
CA THR A 879 -11.85 -28.17 31.45
C THR A 879 -12.10 -27.21 32.61
N GLU A 880 -11.14 -27.08 33.52
CA GLU A 880 -11.35 -26.31 34.74
C GLU A 880 -11.53 -24.86 34.40
N LYS A 881 -12.49 -24.23 35.07
CA LYS A 881 -12.86 -22.84 34.79
C LYS A 881 -11.70 -21.94 35.12
N ASN A 882 -11.42 -21.00 34.22
CA ASN A 882 -10.31 -20.09 34.36
C ASN A 882 -10.81 -18.71 34.74
N ASN A 883 -10.30 -18.20 35.83
CA ASN A 883 -10.69 -16.88 36.30
C ASN A 883 -9.50 -15.96 36.10
N GLY A 884 -9.03 -15.87 34.87
CA GLY A 884 -7.87 -15.07 34.53
C GLY A 884 -8.24 -14.00 33.53
N ASN A 885 -7.33 -13.06 33.31
CA ASN A 885 -7.48 -12.06 32.25
C ASN A 885 -7.31 -12.60 30.82
N SER A 886 -6.32 -13.49 30.67
CA SER A 886 -5.93 -14.08 29.39
C SER A 886 -6.87 -15.23 28.97
N VAL A 887 -7.22 -15.28 27.69
CA VAL A 887 -8.05 -16.38 27.15
C VAL A 887 -7.21 -17.62 27.04
N TYR A 888 -6.08 -17.52 26.34
CA TYR A 888 -5.14 -18.63 26.20
C TYR A 888 -4.12 -18.62 27.33
N HIS A 889 -3.51 -19.77 27.62
CA HIS A 889 -2.44 -19.86 28.64
C HIS A 889 -1.30 -20.75 28.17
N SER A 890 -0.08 -20.24 28.21
CA SER A 890 1.07 -20.97 27.64
C SER A 890 1.46 -22.15 28.49
N ASN A 891 0.89 -23.30 28.15
CA ASN A 891 1.03 -24.54 28.89
C ASN A 891 1.27 -25.72 27.95
N ALA A 892 1.21 -26.93 28.50
CA ALA A 892 1.40 -28.17 27.72
C ALA A 892 0.33 -28.39 26.67
N ALA A 893 -0.92 -28.10 27.03
CA ALA A 893 -2.03 -28.21 26.09
C ALA A 893 -1.84 -27.32 24.88
N LEU A 894 -1.51 -26.06 25.14
CA LEU A 894 -1.33 -25.07 24.08
C LEU A 894 -0.11 -25.32 23.22
N ASP A 895 0.94 -25.91 23.79
CA ASP A 895 2.14 -26.22 23.01
C ASP A 895 1.91 -27.43 22.12
N SER A 896 0.87 -28.20 22.43
CA SER A 896 0.44 -29.31 21.59
C SER A 896 -0.16 -28.85 20.26
N GLN A 897 -0.41 -27.55 20.13
CA GLN A 897 -0.98 -27.01 18.90
C GLN A 897 0.11 -26.66 17.90
N LEU A 898 -0.24 -26.71 16.63
CA LEU A 898 0.66 -26.32 15.54
C LEU A 898 -0.17 -25.79 14.39
N ILE A 899 0.32 -24.71 13.79
CA ILE A 899 -0.30 -24.03 12.67
C ILE A 899 0.53 -24.23 11.42
N TYR A 900 -0.12 -24.50 10.30
CA TYR A 900 0.56 -24.65 9.02
C TYR A 900 -0.04 -23.66 8.05
N GLU A 901 0.78 -22.70 7.64
CA GLU A 901 0.40 -21.71 6.63
C GLU A 901 0.42 -22.39 5.26
N GLY A 902 -0.77 -22.66 4.73
CA GLY A 902 -0.92 -23.56 3.58
C GLY A 902 -1.05 -22.89 2.22
N PHE A 903 -0.05 -22.05 1.91
CA PHE A 903 -0.03 -21.32 0.65
C PHE A 903 1.21 -20.47 0.41
N SER A 904 1.38 -20.03 -0.83
CA SER A 904 2.46 -19.15 -1.20
C SER A 904 1.91 -18.14 -2.16
N ASN A 905 2.55 -16.97 -2.17
CA ASN A 905 2.17 -15.93 -3.11
C ASN A 905 2.27 -16.48 -4.51
N PHE A 906 3.41 -17.09 -4.81
CA PHE A 906 3.82 -17.35 -6.16
C PHE A 906 3.49 -18.75 -6.66
N GLN A 907 2.58 -19.46 -5.98
CA GLN A 907 1.99 -20.68 -6.54
C GLN A 907 1.46 -20.34 -7.90
N THR A 908 1.73 -21.19 -8.88
CA THR A 908 1.23 -20.92 -10.24
C THR A 908 -0.32 -20.88 -10.23
N VAL A 909 -0.90 -20.06 -11.09
CA VAL A 909 -2.30 -19.70 -11.01
C VAL A 909 -3.11 -20.51 -11.99
N PRO A 910 -3.89 -21.49 -11.52
CA PRO A 910 -4.49 -22.43 -12.45
C PRO A 910 -5.09 -21.70 -13.62
N SER A 911 -4.58 -21.99 -14.81
CA SER A 911 -4.98 -21.29 -16.01
C SER A 911 -6.43 -21.54 -16.30
N LYS A 912 -6.97 -20.72 -17.18
CA LYS A 912 -8.40 -20.69 -17.43
C LYS A 912 -9.04 -22.08 -17.52
N ASN A 913 -8.43 -22.95 -18.30
CA ASN A 913 -9.00 -24.28 -18.52
C ASN A 913 -8.22 -25.31 -17.77
N ALA A 914 -7.84 -24.99 -16.54
CA ALA A 914 -7.06 -25.93 -15.74
C ALA A 914 -7.93 -27.12 -15.42
N SER A 915 -7.32 -28.29 -15.30
CA SER A 915 -8.03 -29.50 -14.89
C SER A 915 -8.32 -29.39 -13.38
N ALA A 916 -9.37 -30.08 -12.93
CA ALA A 916 -9.89 -29.90 -11.57
C ALA A 916 -8.86 -30.09 -10.45
N ASP A 917 -7.81 -30.84 -10.72
CA ASP A 917 -6.88 -31.21 -9.66
C ASP A 917 -5.63 -30.35 -9.59
N GLU A 918 -5.63 -29.23 -10.31
CA GLU A 918 -4.60 -28.23 -10.09
C GLU A 918 -4.97 -27.32 -8.93
N TYR A 919 -6.27 -27.14 -8.71
CA TYR A 919 -6.73 -26.12 -7.79
C TYR A 919 -6.36 -26.50 -6.36
N ALA A 920 -5.72 -25.57 -5.65
CA ALA A 920 -5.09 -25.89 -4.39
C ALA A 920 -6.05 -26.46 -3.39
N ASN A 921 -7.28 -25.97 -3.38
CA ASN A 921 -8.29 -26.47 -2.43
C ASN A 921 -8.77 -27.91 -2.71
N VAL A 922 -8.49 -28.41 -3.90
CA VAL A 922 -8.75 -29.81 -4.22
C VAL A 922 -7.58 -30.65 -3.73
N ILE A 923 -6.39 -30.14 -3.97
CA ILE A 923 -5.15 -30.79 -3.55
C ILE A 923 -5.11 -30.88 -2.03
N ILE A 924 -5.62 -29.84 -1.37
CA ILE A 924 -5.66 -29.77 0.09
C ILE A 924 -6.48 -30.94 0.61
N ALA A 925 -7.65 -31.12 0.00
CA ALA A 925 -8.54 -32.18 0.42
C ALA A 925 -7.89 -33.55 0.28
N LYS A 926 -7.30 -33.84 -0.89
CA LYS A 926 -6.54 -35.07 -1.08
C LYS A 926 -5.63 -35.29 0.10
N HIS A 927 -4.73 -34.34 0.32
CA HIS A 927 -3.61 -34.53 1.25
C HIS A 927 -3.95 -34.32 2.73
N ALA A 928 -5.24 -34.22 3.05
CA ALA A 928 -5.68 -33.94 4.42
C ALA A 928 -4.95 -34.76 5.50
N ALA A 929 -4.72 -36.03 5.21
CA ALA A 929 -4.06 -36.91 6.18
C ALA A 929 -2.60 -36.53 6.40
N ASP A 930 -1.92 -36.09 5.35
CA ASP A 930 -0.53 -35.66 5.45
C ASP A 930 -0.32 -34.59 6.54
N PHE A 931 -1.26 -33.67 6.63
CA PHE A 931 -1.15 -32.53 7.54
C PHE A 931 -1.38 -33.04 8.96
N ASN A 932 -2.30 -33.99 9.09
CA ASN A 932 -2.55 -34.61 10.38
C ASN A 932 -1.34 -35.38 10.87
N LYS A 933 -0.69 -36.10 9.95
CA LYS A 933 0.54 -36.81 10.25
C LYS A 933 1.66 -35.88 10.71
N TRP A 934 1.66 -34.63 10.22
CA TRP A 934 2.66 -33.62 10.60
C TRP A 934 2.37 -32.91 11.93
N GLY A 935 1.21 -33.19 12.52
CA GLY A 935 0.82 -32.65 13.83
C GLY A 935 0.04 -31.35 13.73
N VAL A 936 -0.43 -31.04 12.52
CA VAL A 936 -1.13 -29.80 12.26
C VAL A 936 -2.45 -29.86 12.99
N THR A 937 -2.74 -28.79 13.74
CA THR A 937 -4.03 -28.65 14.42
C THR A 937 -4.85 -27.46 13.93
N SER A 938 -4.16 -26.43 13.44
CA SER A 938 -4.80 -25.26 12.82
C SER A 938 -4.21 -25.06 11.43
N PHE A 939 -5.01 -25.39 10.42
CA PHE A 939 -4.63 -25.15 9.04
C PHE A 939 -4.94 -23.71 8.65
N GLN A 940 -3.90 -22.90 8.52
CA GLN A 940 -4.10 -21.52 8.09
C GLN A 940 -4.16 -21.52 6.58
N MET A 941 -5.39 -21.43 6.07
CA MET A 941 -5.62 -21.26 4.65
C MET A 941 -5.35 -19.84 4.24
N ALA A 942 -5.23 -19.67 2.94
CA ALA A 942 -5.06 -18.37 2.34
C ALA A 942 -6.37 -17.58 2.44
N PRO A 943 -6.30 -16.27 2.20
CA PRO A 943 -7.54 -15.55 2.04
C PRO A 943 -8.23 -16.09 0.80
N GLN A 944 -9.55 -16.23 0.87
CA GLN A 944 -10.31 -16.91 -0.18
C GLN A 944 -11.10 -16.01 -1.12
N TYR A 945 -10.85 -14.71 -1.07
CA TYR A 945 -11.75 -13.73 -1.67
C TYR A 945 -11.28 -13.57 -3.09
N ARG A 946 -12.20 -13.47 -4.05
CA ARG A 946 -11.78 -13.34 -5.45
C ARG A 946 -10.93 -12.10 -5.64
N SER A 947 -9.84 -12.27 -6.38
CA SER A 947 -8.81 -11.26 -6.44
C SER A 947 -9.04 -10.29 -7.58
N SER A 948 -8.51 -9.09 -7.40
CA SER A 948 -8.35 -8.15 -8.48
C SER A 948 -7.24 -8.65 -9.35
N THR A 949 -7.21 -8.22 -10.62
CA THR A 949 -6.11 -8.56 -11.54
C THR A 949 -5.45 -7.30 -12.12
N ASP A 950 -5.66 -6.17 -11.47
CA ASP A 950 -5.27 -4.88 -12.02
C ASP A 950 -3.79 -4.55 -11.85
N GLY A 951 -3.05 -5.39 -11.15
CA GLY A 951 -1.61 -5.19 -11.01
C GLY A 951 -1.18 -3.92 -10.31
N SER A 952 -2.12 -3.30 -9.59
CA SER A 952 -1.83 -2.10 -8.81
C SER A 952 -0.85 -2.40 -7.68
N PHE A 953 -0.79 -3.68 -7.29
CA PHE A 953 0.19 -4.18 -6.33
C PHE A 953 0.44 -5.66 -6.59
N LEU A 954 1.55 -6.17 -6.04
CA LEU A 954 1.88 -7.58 -6.09
C LEU A 954 0.65 -8.48 -5.94
N ASP A 955 0.02 -8.42 -4.77
CA ASP A 955 -1.12 -9.29 -4.43
C ASP A 955 -2.23 -9.28 -5.49
N ALA A 956 -2.21 -8.26 -6.35
CA ALA A 956 -3.24 -8.07 -7.37
C ALA A 956 -2.75 -8.25 -8.79
N VAL A 957 -1.50 -8.65 -8.99
CA VAL A 957 -1.03 -8.98 -10.34
C VAL A 957 -1.65 -10.33 -10.69
N ASP A 958 -1.94 -10.51 -11.98
CA ASP A 958 -2.72 -11.67 -12.45
C ASP A 958 -1.98 -13.01 -12.35
N THR A 959 -0.67 -12.98 -12.22
CA THR A 959 0.09 -14.20 -12.03
C THR A 959 0.26 -14.57 -10.55
N VAL A 960 -0.32 -13.77 -9.62
CA VAL A 960 -0.36 -14.15 -8.20
C VAL A 960 -1.62 -13.71 -7.51
N GLN A 961 -2.79 -14.14 -7.97
CA GLN A 961 -4.00 -13.60 -7.36
C GLN A 961 -4.25 -14.23 -6.02
N ASN A 962 -3.47 -13.85 -5.05
CA ASN A 962 -3.39 -14.59 -3.79
C ASN A 962 -4.61 -14.38 -2.91
N GLY A 963 -5.28 -13.25 -3.09
CA GLY A 963 -6.57 -13.01 -2.43
C GLY A 963 -6.55 -11.98 -1.34
N TYR A 964 -5.46 -11.23 -1.23
CA TYR A 964 -5.39 -10.09 -0.32
C TYR A 964 -5.81 -8.78 -1.01
N ALA A 965 -6.04 -8.85 -2.31
CA ALA A 965 -6.52 -7.72 -3.07
C ALA A 965 -7.86 -8.07 -3.70
N PHE A 966 -8.94 -7.58 -3.09
CA PHE A 966 -10.31 -7.99 -3.48
C PHE A 966 -11.26 -6.81 -3.49
N THR A 967 -12.38 -6.98 -4.20
CA THR A 967 -13.45 -5.98 -4.27
C THR A 967 -14.72 -6.42 -3.57
N ASP A 968 -14.90 -7.73 -3.47
CA ASP A 968 -16.12 -8.27 -2.90
C ASP A 968 -15.69 -9.24 -1.83
N ARG A 969 -15.75 -8.73 -0.61
CA ARG A 969 -15.36 -9.47 0.59
C ARG A 969 -16.25 -10.66 0.95
N TYR A 970 -17.38 -10.87 0.25
CA TYR A 970 -18.24 -12.04 0.49
C TYR A 970 -18.17 -13.09 -0.61
N ASP A 971 -17.34 -12.84 -1.62
CA ASP A 971 -17.30 -13.74 -2.73
C ASP A 971 -16.08 -14.64 -2.68
N LEU A 972 -16.31 -15.89 -2.27
CA LEU A 972 -15.22 -16.84 -2.09
C LEU A 972 -15.12 -17.84 -3.24
N GLY A 973 -15.72 -17.53 -4.38
CA GLY A 973 -15.56 -18.33 -5.59
C GLY A 973 -16.84 -18.94 -6.14
N PHE A 974 -17.91 -18.16 -6.08
CA PHE A 974 -19.20 -18.66 -6.50
C PHE A 974 -19.19 -18.79 -8.01
N ASN A 975 -20.11 -19.60 -8.53
CA ASN A 975 -20.28 -19.70 -9.97
C ASN A 975 -20.80 -18.40 -10.60
N ALA A 976 -20.60 -18.28 -11.90
CA ALA A 976 -21.07 -17.12 -12.64
C ALA A 976 -22.60 -17.08 -12.73
N ALA A 977 -23.11 -16.01 -13.36
CA ALA A 977 -24.55 -15.84 -13.53
C ALA A 977 -25.13 -16.94 -14.42
N ASP A 978 -24.49 -17.19 -15.54
CA ASP A 978 -24.91 -18.26 -16.46
C ASP A 978 -24.82 -19.65 -15.81
N GLY A 979 -24.34 -19.72 -14.57
CA GLY A 979 -24.17 -20.99 -13.86
C GLY A 979 -22.87 -21.73 -14.17
N SER A 980 -21.96 -21.10 -14.91
CA SER A 980 -20.66 -21.68 -15.21
C SER A 980 -19.74 -21.64 -13.99
N LYS A 981 -18.97 -22.70 -13.79
CA LYS A 981 -17.97 -22.70 -12.73
C LYS A 981 -17.07 -21.53 -12.99
N ASN A 982 -16.81 -20.75 -11.95
CA ASN A 982 -15.94 -19.59 -12.04
C ASN A 982 -15.19 -19.50 -10.75
N PRO A 983 -13.97 -20.01 -10.73
CA PRO A 983 -13.30 -20.15 -9.46
C PRO A 983 -12.48 -18.93 -9.10
N THR A 984 -11.90 -18.97 -7.90
CA THR A 984 -10.81 -18.09 -7.50
C THR A 984 -9.52 -18.80 -7.91
N LYS A 985 -8.41 -18.33 -7.38
CA LYS A 985 -7.14 -18.98 -7.63
C LYS A 985 -7.14 -20.37 -7.06
N TYR A 986 -7.80 -20.55 -5.92
CA TYR A 986 -7.72 -21.77 -5.16
C TYR A 986 -8.83 -22.79 -5.48
N GLY A 987 -9.99 -22.32 -5.90
CA GLY A 987 -11.07 -23.21 -6.37
C GLY A 987 -12.44 -22.56 -6.21
N THR A 988 -13.49 -23.29 -6.60
CA THR A 988 -14.86 -22.82 -6.37
C THR A 988 -15.24 -22.77 -4.90
N ASP A 989 -16.42 -22.25 -4.63
CA ASP A 989 -17.00 -22.32 -3.31
C ASP A 989 -17.26 -23.76 -2.90
N GLU A 990 -17.68 -24.56 -3.87
CA GLU A 990 -17.80 -26.01 -3.71
C GLU A 990 -16.52 -26.61 -3.20
N ASP A 991 -15.44 -26.30 -3.91
CA ASP A 991 -14.13 -26.90 -3.64
C ASP A 991 -13.60 -26.47 -2.28
N LEU A 992 -13.90 -25.22 -1.88
CA LEU A 992 -13.56 -24.71 -0.54
C LEU A 992 -14.36 -25.42 0.56
N ARG A 993 -15.68 -25.47 0.41
CA ARG A 993 -16.51 -26.19 1.36
C ARG A 993 -15.95 -27.61 1.57
N ASN A 994 -15.56 -28.29 0.48
CA ASN A 994 -15.00 -29.64 0.57
C ASN A 994 -13.67 -29.69 1.25
N ALA A 995 -12.80 -28.74 0.95
CA ALA A 995 -11.52 -28.65 1.65
C ALA A 995 -11.72 -28.57 3.16
N ILE A 996 -12.72 -27.80 3.57
CA ILE A 996 -12.98 -27.60 4.99
C ILE A 996 -13.53 -28.87 5.58
N LYS A 997 -14.39 -29.56 4.83
CA LYS A 997 -14.96 -30.82 5.29
C LYS A 997 -13.90 -31.90 5.44
N SER A 998 -12.94 -31.94 4.53
CA SER A 998 -11.88 -32.93 4.59
C SER A 998 -11.02 -32.73 5.81
N LEU A 999 -10.68 -31.46 6.07
CA LEU A 999 -9.84 -31.12 7.21
C LEU A 999 -10.59 -31.37 8.49
N HIS A 1000 -11.85 -30.96 8.52
CA HIS A 1000 -12.72 -31.22 9.68
C HIS A 1000 -12.84 -32.72 9.95
N ALA A 1001 -12.95 -33.51 8.88
CA ALA A 1001 -13.06 -34.96 8.99
C ALA A 1001 -11.81 -35.61 9.59
N GLN A 1002 -10.65 -34.99 9.44
CA GLN A 1002 -9.45 -35.43 10.15
C GLN A 1002 -9.58 -35.06 11.61
N LYS A 1003 -9.12 -35.95 12.48
CA LYS A 1003 -9.25 -35.78 13.92
C LYS A 1003 -7.87 -35.86 14.55
N THR A 1004 -7.57 -34.99 15.49
CA THR A 1004 -6.22 -34.98 16.07
C THR A 1004 -6.21 -35.80 17.35
N TYR A 1005 -5.09 -35.73 18.07
CA TYR A 1005 -4.88 -36.51 19.30
C TYR A 1005 -5.99 -36.46 20.36
N ASP A 1006 -6.69 -35.33 20.50
CA ASP A 1006 -7.76 -35.24 21.50
C ASP A 1006 -9.14 -35.53 20.93
N GLY A 1007 -9.18 -36.09 19.72
CA GLY A 1007 -10.41 -36.50 19.09
C GLY A 1007 -11.09 -35.42 18.28
N SER A 1008 -10.57 -34.19 18.38
CA SER A 1008 -11.24 -33.03 17.78
C SER A 1008 -10.68 -32.77 16.39
N SER A 1009 -11.45 -32.01 15.59
CA SER A 1009 -11.12 -31.79 14.19
C SER A 1009 -9.96 -30.83 14.05
N ILE A 1010 -9.28 -30.93 12.91
CA ILE A 1010 -8.25 -29.97 12.55
C ILE A 1010 -8.98 -28.67 12.24
N GLN A 1011 -8.57 -27.59 12.89
CA GLN A 1011 -9.21 -26.30 12.65
C GLN A 1011 -8.84 -25.72 11.31
N VAL A 1012 -9.71 -24.88 10.77
CA VAL A 1012 -9.47 -24.17 9.51
C VAL A 1012 -9.57 -22.66 9.74
N MET A 1013 -8.52 -21.94 9.40
CA MET A 1013 -8.44 -20.53 9.76
C MET A 1013 -8.77 -19.61 8.59
N ALA A 1014 -9.68 -18.66 8.85
CA ALA A 1014 -10.05 -17.65 7.88
C ALA A 1014 -9.10 -16.47 7.99
N ASP A 1015 -8.65 -15.94 6.85
CA ASP A 1015 -7.89 -14.70 6.84
C ASP A 1015 -8.85 -13.50 6.90
N PHE A 1016 -8.90 -12.84 8.04
CA PHE A 1016 -9.75 -11.68 8.28
C PHE A 1016 -8.99 -10.40 7.90
N VAL A 1017 -9.37 -9.79 6.77
CA VAL A 1017 -8.65 -8.68 6.16
C VAL A 1017 -9.54 -7.43 6.12
N PRO A 1018 -9.60 -6.72 7.25
CA PRO A 1018 -10.47 -5.58 7.34
C PRO A 1018 -9.85 -4.31 6.79
N ASP A 1019 -8.53 -4.29 6.61
CA ASP A 1019 -7.86 -3.02 6.36
C ASP A 1019 -8.35 -2.26 5.15
N GLN A 1020 -8.54 -2.97 4.04
CA GLN A 1020 -8.78 -2.33 2.76
C GLN A 1020 -9.56 -3.15 1.74
N LEU A 1021 -9.99 -2.43 0.71
CA LEU A 1021 -10.55 -2.99 -0.53
C LEU A 1021 -9.82 -2.40 -1.72
N TYR A 1022 -9.56 -3.23 -2.73
CA TYR A 1022 -8.91 -2.76 -3.96
C TYR A 1022 -9.94 -2.64 -5.04
N ASN A 1023 -9.69 -1.74 -5.98
CA ASN A 1023 -10.20 -1.89 -7.34
C ASN A 1023 -11.70 -1.88 -7.47
N MET A 1024 -12.33 -0.82 -7.01
CA MET A 1024 -13.77 -0.78 -7.03
C MET A 1024 -14.28 -0.22 -8.36
N PRO A 1025 -15.48 -0.63 -8.77
CA PRO A 1025 -15.98 -0.42 -10.11
C PRO A 1025 -16.57 0.94 -10.43
N LEU A 1026 -17.11 1.64 -9.46
CA LEU A 1026 -17.77 2.91 -9.74
C LEU A 1026 -17.02 4.08 -9.15
N GLU A 1027 -17.14 5.24 -9.82
CA GLU A 1027 -16.57 6.50 -9.36
C GLU A 1027 -17.53 7.27 -8.44
N GLN A 1028 -16.98 8.12 -7.60
CA GLN A 1028 -17.76 8.96 -6.74
C GLN A 1028 -16.92 10.21 -6.58
N ALA A 1029 -17.55 11.37 -6.50
CA ALA A 1029 -16.81 12.60 -6.23
C ALA A 1029 -16.50 12.62 -4.74
N VAL A 1030 -15.25 12.93 -4.38
CA VAL A 1030 -14.85 13.13 -2.97
C VAL A 1030 -13.87 14.27 -2.82
N SER A 1031 -13.80 14.83 -1.62
CA SER A 1031 -12.85 15.88 -1.32
C SER A 1031 -11.56 15.23 -0.78
N VAL A 1032 -10.41 15.64 -1.28
CA VAL A 1032 -9.14 14.99 -0.91
C VAL A 1032 -8.02 15.92 -0.45
N ILE A 1033 -7.15 15.38 0.38
CA ILE A 1033 -5.91 16.04 0.73
C ILE A 1033 -4.77 15.08 0.45
N ARG A 1034 -3.71 15.58 -0.18
CA ARG A 1034 -2.50 14.80 -0.46
C ARG A 1034 -1.67 14.60 0.80
N THR A 1035 -1.44 13.34 1.15
CA THR A 1035 -0.73 12.99 2.38
C THR A 1035 0.25 11.83 2.17
N ASP A 1036 0.95 11.50 3.26
CA ASP A 1036 1.73 10.27 3.37
C ASP A 1036 0.90 9.16 4.05
N LYS A 1037 1.49 7.98 4.20
CA LYS A 1037 0.79 6.82 4.76
C LYS A 1037 0.26 7.02 6.18
N TYR A 1038 0.87 7.93 6.92
CA TYR A 1038 0.43 8.22 8.28
C TYR A 1038 -0.77 9.17 8.30
N GLY A 1039 -1.04 9.82 7.17
CA GLY A 1039 -2.19 10.75 7.07
C GLY A 1039 -1.78 12.22 7.07
N VAL A 1040 -0.48 12.47 7.16
CA VAL A 1040 0.05 13.82 7.33
C VAL A 1040 0.01 14.58 6.02
N ASN A 1041 -0.78 15.65 6.01
CA ASN A 1041 -0.86 16.55 4.88
C ASN A 1041 0.52 16.81 4.28
N SER A 1042 0.71 16.41 3.02
CA SER A 1042 1.93 16.73 2.27
C SER A 1042 1.98 18.19 1.85
N GLU A 1043 0.93 18.94 2.19
CA GLU A 1043 0.89 20.40 2.03
C GLU A 1043 1.06 20.90 0.60
N ASN A 1044 0.59 20.12 -0.36
CA ASN A 1044 0.49 20.61 -1.72
C ASN A 1044 -0.69 21.56 -1.77
N PRO A 1045 -0.45 22.83 -2.10
CA PRO A 1045 -1.50 23.84 -2.26
C PRO A 1045 -2.68 23.39 -3.10
N ASP A 1046 -2.41 22.77 -4.25
CA ASP A 1046 -3.46 22.47 -5.20
C ASP A 1046 -4.23 21.21 -4.88
N ILE A 1047 -3.87 20.55 -3.77
CA ILE A 1047 -4.59 19.38 -3.30
C ILE A 1047 -4.96 19.59 -1.84
N GLN A 1048 -5.73 20.65 -1.62
CA GLN A 1048 -6.33 20.94 -0.32
C GLN A 1048 -7.85 20.95 -0.42
N ASN A 1049 -8.44 19.82 -0.04
CA ASN A 1049 -9.88 19.59 -0.10
C ASN A 1049 -10.52 19.80 -1.48
N ILE A 1050 -9.77 19.48 -2.53
CA ILE A 1050 -10.28 19.52 -3.90
C ILE A 1050 -11.15 18.31 -4.21
N ILE A 1051 -11.77 18.30 -5.39
CA ILE A 1051 -12.72 17.26 -5.73
C ILE A 1051 -12.14 16.31 -6.75
N TYR A 1052 -12.27 15.02 -6.46
CA TYR A 1052 -11.58 13.94 -7.20
C TYR A 1052 -12.58 12.87 -7.60
N ALA A 1053 -12.47 12.37 -8.84
CA ALA A 1053 -13.35 11.31 -9.27
C ALA A 1053 -12.70 9.98 -8.90
N ALA A 1054 -13.05 9.46 -7.74
CA ALA A 1054 -12.36 8.31 -7.19
C ALA A 1054 -13.12 7.06 -7.51
N ASN A 1055 -12.40 5.99 -7.87
CA ASN A 1055 -13.00 4.68 -7.97
C ASN A 1055 -13.14 4.10 -6.56
N ILE A 1056 -14.33 4.29 -5.98
CA ILE A 1056 -14.57 4.08 -4.56
C ILE A 1056 -15.98 3.60 -4.18
N LYS A 1057 -16.82 3.24 -5.16
CA LYS A 1057 -18.18 2.78 -4.85
C LYS A 1057 -18.36 1.36 -5.38
N SER A 1058 -18.88 0.46 -4.56
CA SER A 1058 -19.09 -0.93 -4.99
C SER A 1058 -20.33 -1.02 -5.90
N SER A 1059 -20.45 -2.14 -6.60
CA SER A 1059 -21.45 -2.28 -7.65
C SER A 1059 -22.85 -2.23 -7.09
N GLY A 1060 -23.05 -2.68 -5.87
CA GLY A 1060 -24.40 -2.80 -5.34
C GLY A 1060 -25.21 -3.96 -5.91
N THR A 1061 -24.61 -4.74 -6.80
CA THR A 1061 -25.20 -6.01 -7.23
C THR A 1061 -24.25 -7.16 -6.90
N ASP A 1062 -23.23 -6.88 -6.10
CA ASP A 1062 -22.25 -7.89 -5.71
C ASP A 1062 -22.77 -8.65 -4.50
N TYR A 1063 -21.97 -9.55 -3.97
CA TYR A 1063 -22.37 -10.31 -2.79
C TYR A 1063 -22.35 -9.47 -1.52
N GLN A 1064 -21.56 -8.41 -1.51
CA GLN A 1064 -21.66 -7.45 -0.44
C GLN A 1064 -23.10 -7.00 -0.30
N SER A 1065 -23.78 -6.79 -1.43
CA SER A 1065 -25.15 -6.27 -1.42
C SER A 1065 -26.18 -7.27 -0.92
N ILE A 1066 -25.86 -8.55 -1.04
CA ILE A 1066 -26.75 -9.57 -0.54
C ILE A 1066 -26.55 -9.83 0.96
N TYR A 1067 -25.29 -10.07 1.32
CA TYR A 1067 -24.92 -10.50 2.68
C TYR A 1067 -24.47 -9.37 3.61
N GLY A 1068 -24.23 -8.19 3.06
CA GLY A 1068 -23.74 -7.09 3.88
C GLY A 1068 -24.71 -6.79 5.00
N GLY A 1069 -24.22 -6.85 6.23
CA GLY A 1069 -25.03 -6.60 7.42
C GLY A 1069 -26.26 -7.49 7.62
N LYS A 1070 -26.33 -8.61 6.92
CA LYS A 1070 -27.56 -9.38 6.83
C LYS A 1070 -27.93 -10.02 8.13
N TYR A 1071 -26.91 -10.40 8.91
CA TYR A 1071 -27.13 -11.20 10.12
C TYR A 1071 -27.14 -10.36 11.39
N LEU A 1072 -26.99 -9.05 11.24
CA LEU A 1072 -26.92 -8.17 12.39
C LEU A 1072 -28.22 -8.11 13.17
N ALA A 1073 -29.34 -8.09 12.45
CA ALA A 1073 -30.65 -8.10 13.09
C ALA A 1073 -30.82 -9.35 13.93
N GLU A 1074 -30.53 -10.49 13.32
CA GLU A 1074 -30.49 -11.80 14.00
C GLU A 1074 -29.59 -11.77 15.24
N LEU A 1075 -28.35 -11.28 15.09
CA LEU A 1075 -27.35 -11.37 16.16
C LEU A 1075 -27.67 -10.49 17.36
N GLN A 1076 -28.17 -9.28 17.12
CA GLN A 1076 -28.61 -8.40 18.22
C GLN A 1076 -29.57 -9.12 19.13
N LYS A 1077 -30.63 -9.65 18.54
CA LYS A 1077 -31.70 -10.36 19.28
C LYS A 1077 -31.19 -11.46 20.20
N ASN A 1078 -30.07 -12.08 19.84
CA ASN A 1078 -29.50 -13.10 20.71
C ASN A 1078 -29.00 -12.52 22.04
N PRO A 1079 -29.45 -13.11 23.16
CA PRO A 1079 -28.98 -12.77 24.51
C PRO A 1079 -27.47 -12.90 24.73
N LEU A 1080 -26.88 -13.96 24.21
CA LEU A 1080 -25.46 -14.23 24.41
C LEU A 1080 -24.55 -13.12 23.89
N PHE A 1081 -25.06 -12.26 23.01
CA PHE A 1081 -24.25 -11.22 22.39
C PHE A 1081 -24.46 -9.85 23.00
N LYS A 1082 -25.29 -9.78 24.04
CA LYS A 1082 -25.61 -8.51 24.67
C LYS A 1082 -24.35 -7.73 25.02
N SER A 1083 -23.39 -8.42 25.64
CA SER A 1083 -22.11 -7.81 26.00
C SER A 1083 -21.48 -7.08 24.83
N LEU A 1084 -21.39 -7.79 23.70
CA LEU A 1084 -20.72 -7.33 22.47
C LEU A 1084 -21.29 -6.02 21.97
N PHE A 1085 -22.62 -5.97 21.90
CA PHE A 1085 -23.34 -4.83 21.35
C PHE A 1085 -23.39 -3.68 22.31
N ASP A 1086 -23.58 -3.99 23.59
CA ASP A 1086 -23.60 -2.99 24.65
C ASP A 1086 -22.21 -2.42 24.97
N ARG A 1087 -21.14 -3.04 24.44
CA ARG A 1087 -19.78 -2.63 24.75
C ARG A 1087 -19.37 -1.29 24.20
N ILE A 1088 -18.81 -0.43 25.07
CA ILE A 1088 -18.26 0.86 24.66
C ILE A 1088 -16.87 0.64 24.12
N GLN A 1089 -16.66 0.98 22.85
CA GLN A 1089 -15.38 0.73 22.20
C GLN A 1089 -14.41 1.82 22.58
N ILE A 1090 -13.14 1.45 22.69
CA ILE A 1090 -12.11 2.32 23.24
C ILE A 1090 -11.88 3.59 22.42
N SER A 1091 -11.61 3.45 21.12
CA SER A 1091 -11.28 4.61 20.29
C SER A 1091 -12.48 5.46 19.90
N THR A 1092 -13.65 4.85 19.71
CA THR A 1092 -14.85 5.61 19.36
C THR A 1092 -15.53 6.21 20.57
N LYS A 1093 -15.30 5.62 21.73
CA LYS A 1093 -16.04 5.98 22.95
C LYS A 1093 -17.55 5.78 22.80
N LYS A 1094 -17.95 5.27 21.65
CA LYS A 1094 -19.32 4.90 21.37
C LYS A 1094 -19.37 3.40 21.18
N THR A 1095 -20.56 2.86 21.32
CA THR A 1095 -20.79 1.47 21.00
C THR A 1095 -20.76 1.24 19.48
N ILE A 1096 -20.57 -0.01 19.11
CA ILE A 1096 -20.79 -0.51 17.76
C ILE A 1096 -22.22 -0.15 17.30
N ASP A 1097 -22.45 -0.01 15.99
CA ASP A 1097 -23.79 0.41 15.45
C ASP A 1097 -24.34 -0.56 14.38
N PRO A 1098 -25.18 -1.52 14.78
CA PRO A 1098 -25.70 -2.55 13.88
C PRO A 1098 -27.03 -2.20 13.20
N ASN A 1099 -27.45 -0.96 13.26
CA ASN A 1099 -28.77 -0.59 12.75
C ASN A 1099 -28.77 -0.13 11.30
N THR A 1100 -27.58 0.12 10.76
CA THR A 1100 -27.43 0.35 9.34
C THR A 1100 -26.68 -0.80 8.69
N ARG A 1101 -27.16 -1.19 7.52
CA ARG A 1101 -26.52 -2.23 6.74
C ARG A 1101 -25.61 -1.59 5.71
N ILE A 1102 -24.45 -2.23 5.47
CA ILE A 1102 -23.59 -1.81 4.33
C ILE A 1102 -23.71 -2.79 3.16
N THR A 1103 -24.50 -2.42 2.15
CA THR A 1103 -24.69 -3.23 0.96
C THR A 1103 -23.95 -2.63 -0.22
N GLN A 1104 -23.64 -1.35 -0.12
CA GLN A 1104 -22.81 -0.72 -1.09
C GLN A 1104 -21.74 0.07 -0.38
N TRP A 1105 -20.50 -0.25 -0.66
CA TRP A 1105 -19.43 0.58 -0.15
C TRP A 1105 -19.47 1.91 -0.87
N SER A 1106 -19.32 2.98 -0.10
CA SER A 1106 -19.31 4.32 -0.60
C SER A 1106 -18.11 5.01 0.02
N ALA A 1107 -17.71 6.14 -0.56
CA ALA A 1107 -16.57 6.93 -0.06
C ALA A 1107 -16.69 7.37 1.40
N LYS A 1108 -17.92 7.55 1.86
CA LYS A 1108 -18.16 7.91 3.23
C LYS A 1108 -17.76 6.84 4.27
N TYR A 1109 -17.50 5.61 3.83
CA TYR A 1109 -17.02 4.54 4.73
C TYR A 1109 -15.49 4.30 4.64
N PHE A 1110 -14.77 5.20 3.98
CA PHE A 1110 -13.33 5.06 3.80
C PHE A 1110 -12.55 6.21 4.41
N ASN A 1111 -11.40 5.90 4.99
CA ASN A 1111 -10.50 6.92 5.55
C ASN A 1111 -9.84 7.69 4.44
N GLY A 1112 -9.49 6.98 3.38
CA GLY A 1112 -8.82 7.57 2.24
C GLY A 1112 -8.45 6.48 1.24
N SER A 1113 -7.42 6.75 0.46
CA SER A 1113 -7.06 5.87 -0.63
C SER A 1113 -5.69 6.24 -1.14
N ASN A 1114 -5.07 5.29 -1.82
CA ASN A 1114 -3.85 5.57 -2.54
C ASN A 1114 -4.16 6.41 -3.78
N ILE A 1115 -3.17 7.18 -4.26
CA ILE A 1115 -3.40 8.08 -5.40
C ILE A 1115 -3.70 7.29 -6.66
N GLN A 1116 -4.76 7.66 -7.37
CA GLN A 1116 -5.27 6.90 -8.49
C GLN A 1116 -4.94 7.49 -9.88
N GLY A 1117 -4.12 8.53 -9.92
CA GLY A 1117 -3.61 9.06 -11.18
C GLY A 1117 -4.65 9.55 -12.17
N LYS A 1118 -5.83 9.92 -11.68
CA LYS A 1118 -6.87 10.51 -12.53
C LYS A 1118 -6.42 11.87 -13.01
N GLY A 1119 -5.75 12.58 -12.11
CA GLY A 1119 -5.33 13.94 -12.33
C GLY A 1119 -6.09 14.82 -11.36
N ILE A 1120 -5.48 15.95 -10.98
CA ILE A 1120 -6.12 16.95 -10.14
C ILE A 1120 -7.32 17.51 -10.85
N ASN A 1121 -7.08 18.00 -12.05
CA ASN A 1121 -8.10 18.65 -12.85
C ASN A 1121 -8.93 17.71 -13.70
N TYR A 1122 -8.99 16.45 -13.29
CA TYR A 1122 -9.79 15.49 -14.00
C TYR A 1122 -11.23 15.85 -13.88
N VAL A 1123 -11.62 16.27 -12.69
CA VAL A 1123 -12.93 16.84 -12.53
C VAL A 1123 -12.91 18.24 -13.15
N LEU A 1124 -13.83 18.46 -14.09
CA LEU A 1124 -13.80 19.65 -14.93
C LEU A 1124 -14.44 20.79 -14.18
N LYS A 1125 -14.08 21.99 -14.64
CA LYS A 1125 -14.14 23.19 -13.84
C LYS A 1125 -13.80 24.42 -14.70
N ASP A 1126 -14.51 25.52 -14.47
CA ASP A 1126 -14.30 26.75 -15.22
C ASP A 1126 -13.30 27.67 -14.52
N TRP A 1127 -12.21 28.00 -15.20
CA TRP A 1127 -11.13 28.75 -14.57
C TRP A 1127 -11.53 30.15 -14.10
N ALA A 1128 -12.39 30.82 -14.86
CA ALA A 1128 -12.77 32.19 -14.53
C ALA A 1128 -13.57 32.28 -13.25
N SER A 1129 -14.64 31.48 -13.17
CA SER A 1129 -15.52 31.43 -11.99
C SER A 1129 -14.91 30.59 -10.89
N ASN A 1130 -13.99 29.71 -11.28
CA ASN A 1130 -13.29 28.82 -10.38
C ASN A 1130 -14.20 27.84 -9.65
N LYS A 1131 -15.34 27.54 -10.25
CA LYS A 1131 -16.26 26.54 -9.73
C LYS A 1131 -16.26 25.29 -10.61
N TYR A 1132 -16.74 24.19 -10.07
CA TYR A 1132 -16.83 22.93 -10.83
C TYR A 1132 -18.12 22.89 -11.63
N PHE A 1133 -18.06 22.40 -12.86
CA PHE A 1133 -19.28 22.20 -13.63
C PHE A 1133 -20.03 21.13 -12.88
N ASN A 1134 -21.34 21.34 -12.73
CA ASN A 1134 -22.19 20.28 -12.24
C ASN A 1134 -23.57 20.22 -12.85
N VAL A 1135 -23.86 19.07 -13.43
CA VAL A 1135 -25.05 18.92 -14.26
C VAL A 1135 -26.25 18.40 -13.47
N SER A 1136 -26.05 17.98 -12.24
CA SER A 1136 -27.13 17.39 -11.48
C SER A 1136 -27.74 18.42 -10.54
N SER A 1137 -27.01 19.48 -10.22
CA SER A 1137 -27.51 20.51 -9.32
C SER A 1137 -27.58 21.83 -10.04
N ASN A 1138 -28.43 22.71 -9.54
CA ASN A 1138 -28.45 24.09 -10.04
C ASN A 1138 -27.98 25.07 -8.99
N ASP A 1139 -27.46 24.55 -7.88
CA ASP A 1139 -27.00 25.36 -6.76
C ASP A 1139 -25.86 26.25 -7.19
N ASP A 1140 -25.75 27.42 -6.57
CA ASP A 1140 -24.78 28.41 -7.00
C ASP A 1140 -23.35 27.99 -6.72
N MET A 1141 -23.17 27.06 -5.79
CA MET A 1141 -21.81 26.66 -5.44
C MET A 1141 -21.09 25.92 -6.58
N TYR A 1142 -21.86 25.49 -7.57
CA TYR A 1142 -21.32 24.92 -8.82
C TYR A 1142 -21.53 25.86 -9.98
N SER A 1143 -20.66 25.78 -10.97
CA SER A 1143 -20.85 26.54 -12.23
C SER A 1143 -21.84 25.80 -13.11
N ARG A 1144 -22.68 26.55 -13.81
CA ARG A 1144 -23.59 25.97 -14.77
C ARG A 1144 -22.76 25.61 -15.99
N LEU A 1145 -23.39 24.97 -16.98
CA LEU A 1145 -22.67 24.52 -18.16
C LEU A 1145 -22.05 25.66 -18.91
N PRO A 1146 -21.06 25.38 -19.77
CA PRO A 1146 -20.52 26.39 -20.65
C PRO A 1146 -21.61 27.01 -21.50
N LYS A 1147 -21.61 28.33 -21.62
CA LYS A 1147 -22.67 28.99 -22.33
C LYS A 1147 -22.79 28.48 -23.76
N GLN A 1148 -21.67 28.14 -24.39
CA GLN A 1148 -21.74 27.61 -25.75
C GLN A 1148 -22.59 26.33 -25.80
N LEU A 1149 -22.35 25.42 -24.84
CA LEU A 1149 -23.04 24.13 -24.83
C LEU A 1149 -24.53 24.26 -24.55
N MET A 1150 -24.99 25.40 -24.06
CA MET A 1150 -26.44 25.60 -23.92
C MET A 1150 -26.99 26.69 -24.84
N ASN A 1151 -26.25 26.88 -25.94
CA ASN A 1151 -26.68 27.73 -27.05
C ASN A 1151 -27.04 29.13 -26.63
N GLN A 1152 -26.18 29.70 -25.80
CA GLN A 1152 -26.32 31.09 -25.38
C GLN A 1152 -25.14 31.91 -25.84
N GLU A 1153 -25.25 33.23 -25.72
CA GLU A 1153 -24.13 34.07 -26.12
C GLU A 1153 -22.93 33.70 -25.28
N SER A 1154 -21.78 33.62 -25.92
CA SER A 1154 -20.59 33.25 -25.21
C SER A 1154 -19.41 33.85 -25.90
N ASN A 1155 -18.65 34.64 -25.16
CA ASN A 1155 -17.42 35.23 -25.67
C ASN A 1155 -16.32 34.99 -24.71
N THR A 1156 -15.12 34.93 -25.23
CA THR A 1156 -13.98 34.64 -24.42
C THR A 1156 -12.89 35.62 -24.78
N GLY A 1157 -12.19 36.06 -23.73
CA GLY A 1157 -11.02 36.89 -23.90
C GLY A 1157 -10.97 38.01 -22.89
N PHE A 1158 -9.91 38.79 -23.01
CA PHE A 1158 -9.70 40.01 -22.22
C PHE A 1158 -10.40 41.13 -22.95
N ILE A 1159 -11.15 41.94 -22.21
CA ILE A 1159 -11.83 43.09 -22.81
C ILE A 1159 -11.60 44.33 -21.96
N VAL A 1160 -11.00 45.33 -22.59
CA VAL A 1160 -10.66 46.54 -21.89
C VAL A 1160 -11.87 47.45 -21.94
N ASP A 1161 -12.09 48.14 -20.84
CA ASP A 1161 -13.29 48.89 -20.56
C ASP A 1161 -12.85 50.21 -19.98
N ASP A 1162 -13.73 51.22 -20.03
CA ASP A 1162 -13.47 52.58 -19.51
C ASP A 1162 -13.10 52.58 -18.04
N ILE A 1163 -13.63 51.60 -17.32
CA ILE A 1163 -13.35 51.40 -15.91
C ILE A 1163 -12.14 50.50 -15.68
N GLY A 1164 -12.00 49.44 -16.47
CA GLY A 1164 -10.91 48.48 -16.26
C GLY A 1164 -10.95 47.30 -17.21
N VAL A 1165 -10.40 46.17 -16.78
CA VAL A 1165 -10.29 45.00 -17.64
C VAL A 1165 -11.07 43.84 -17.06
N LYS A 1166 -11.92 43.22 -17.86
CA LYS A 1166 -12.63 42.01 -17.44
C LYS A 1166 -12.07 40.85 -18.26
N TYR A 1167 -12.32 39.61 -17.85
CA TYR A 1167 -11.90 38.47 -18.65
C TYR A 1167 -12.96 37.39 -18.63
N TYR A 1168 -13.21 36.82 -19.81
CA TYR A 1168 -14.19 35.75 -19.93
C TYR A 1168 -13.53 34.46 -20.34
N SER A 1169 -13.82 33.38 -19.64
CA SER A 1169 -13.16 32.11 -19.92
C SER A 1169 -13.65 31.55 -21.23
N ILE A 1170 -12.98 30.50 -21.69
CA ILE A 1170 -13.41 29.78 -22.89
C ILE A 1170 -14.85 29.32 -22.78
N SER A 1171 -15.36 29.19 -21.55
CA SER A 1171 -16.74 28.80 -21.26
C SER A 1171 -17.74 29.97 -21.31
N GLY A 1172 -17.23 31.20 -21.30
CA GLY A 1172 -18.07 32.38 -21.47
C GLY A 1172 -18.35 33.17 -20.20
N TYR A 1173 -17.90 32.65 -19.06
CA TYR A 1173 -18.13 33.29 -17.75
C TYR A 1173 -17.05 34.27 -17.34
N GLN A 1174 -17.42 35.18 -16.42
CA GLN A 1174 -16.57 36.30 -16.03
C GLN A 1174 -15.63 35.91 -14.91
N ALA A 1175 -14.37 36.33 -15.03
CA ALA A 1175 -13.42 36.06 -13.98
C ALA A 1175 -13.69 37.00 -12.83
N LYS A 1176 -14.02 36.43 -11.68
CA LYS A 1176 -14.28 37.16 -10.44
C LYS A 1176 -13.53 36.47 -9.32
N ASN A 1177 -12.82 37.24 -8.51
CA ASN A 1177 -12.09 36.72 -7.33
C ASN A 1177 -11.25 35.50 -7.63
N THR A 1178 -10.42 35.60 -8.67
CA THR A 1178 -9.53 34.51 -9.08
C THR A 1178 -8.28 35.02 -9.75
N PHE A 1179 -7.22 34.20 -9.70
CA PHE A 1179 -6.03 34.41 -10.54
C PHE A 1179 -6.28 33.74 -11.89
N VAL A 1180 -5.82 34.35 -12.97
CA VAL A 1180 -5.98 33.79 -14.31
C VAL A 1180 -4.70 33.89 -15.10
N GLU A 1181 -4.27 32.78 -15.67
CA GLU A 1181 -3.03 32.74 -16.45
C GLU A 1181 -3.33 32.94 -17.93
N ASP A 1182 -2.62 33.87 -18.55
CA ASP A 1182 -2.79 34.14 -19.97
C ASP A 1182 -2.13 33.01 -20.76
N GLY A 1183 -2.42 32.97 -22.06
CA GLY A 1183 -1.75 32.06 -23.00
C GLY A 1183 -0.27 32.40 -23.13
N ASN A 1184 0.02 33.68 -23.08
CA ASN A 1184 1.41 34.17 -23.04
C ASN A 1184 2.19 33.70 -21.80
N GLY A 1185 1.48 33.52 -20.69
CA GLY A 1185 2.06 32.94 -19.48
C GLY A 1185 2.01 33.86 -18.28
N GLU A 1186 1.56 35.10 -18.46
CA GLU A 1186 1.48 36.03 -17.34
C GLU A 1186 0.19 35.80 -16.57
N TRP A 1187 0.27 35.86 -15.25
CA TRP A 1187 -0.89 35.77 -14.39
C TRP A 1187 -1.50 37.14 -14.15
N TYR A 1188 -2.80 37.13 -13.90
CA TYR A 1188 -3.56 38.34 -13.64
C TYR A 1188 -4.57 37.98 -12.54
N TYR A 1189 -4.99 38.93 -11.71
CA TYR A 1189 -6.05 38.65 -10.72
C TYR A 1189 -7.27 39.51 -10.96
N PHE A 1190 -8.43 38.96 -10.65
CA PHE A 1190 -9.67 39.69 -10.85
C PHE A 1190 -10.47 39.77 -9.56
N ASP A 1191 -10.82 40.98 -9.17
CA ASP A 1191 -11.41 41.24 -7.85
C ASP A 1191 -12.88 40.85 -7.83
N ASN A 1192 -13.53 41.08 -6.68
CA ASN A 1192 -14.95 40.78 -6.52
C ASN A 1192 -15.83 41.43 -7.60
N ASP A 1193 -15.43 42.62 -8.02
CA ASP A 1193 -16.17 43.33 -9.03
C ASP A 1193 -16.00 42.75 -10.44
N GLY A 1194 -15.06 41.84 -10.64
CA GLY A 1194 -14.85 41.22 -11.94
C GLY A 1194 -13.80 41.94 -12.77
N TYR A 1195 -13.05 42.82 -12.09
CA TYR A 1195 -12.03 43.63 -12.72
C TYR A 1195 -10.64 43.21 -12.31
N MET A 1196 -9.70 43.33 -13.24
CA MET A 1196 -8.28 43.08 -13.02
C MET A 1196 -7.70 44.03 -11.97
N VAL A 1197 -6.89 43.50 -11.05
CA VAL A 1197 -6.20 44.34 -10.06
C VAL A 1197 -4.95 44.83 -10.71
N LYS A 1198 -4.66 46.14 -10.56
CA LYS A 1198 -3.45 46.76 -11.11
C LYS A 1198 -2.92 47.88 -10.23
N SER A 1199 -1.62 47.82 -9.88
CA SER A 1199 -0.99 48.82 -9.04
C SER A 1199 -0.94 50.14 -9.76
N THR A 1200 -1.07 51.21 -8.98
CA THR A 1200 -1.05 52.56 -9.52
C THR A 1200 0.09 53.32 -8.83
N GLU A 1201 0.28 54.56 -9.23
CA GLU A 1201 1.26 55.42 -8.54
C GLU A 1201 0.77 55.75 -7.13
N GLU A 1202 -0.52 56.05 -7.01
CA GLU A 1202 -1.15 56.24 -5.71
C GLU A 1202 -1.06 54.96 -4.83
N SER A 1203 -1.18 53.77 -5.44
CA SER A 1203 -1.09 52.47 -4.73
C SER A 1203 0.04 51.62 -5.30
N GLY A 1204 1.11 51.43 -4.53
CA GLY A 1204 2.27 50.73 -5.03
C GLY A 1204 2.02 49.29 -5.41
N PRO A 1205 3.06 48.61 -5.94
CA PRO A 1205 2.99 47.25 -6.47
C PRO A 1205 2.85 46.15 -5.41
N LEU A 1206 3.34 46.42 -4.21
CA LEU A 1206 3.30 45.42 -3.14
C LEU A 1206 1.89 45.45 -2.56
N ARG A 1207 1.16 44.35 -2.72
CA ARG A 1207 -0.29 44.34 -2.50
C ARG A 1207 -0.86 43.05 -2.00
N THR A 1208 -1.70 43.14 -0.98
CA THR A 1208 -2.64 42.05 -0.65
C THR A 1208 -3.85 42.24 -1.55
N VAL A 1209 -4.50 41.14 -1.89
CA VAL A 1209 -5.49 41.09 -2.96
C VAL A 1209 -6.80 40.36 -2.60
N ASN A 1210 -6.74 39.48 -1.61
CA ASN A 1210 -7.83 38.56 -1.35
C ASN A 1210 -8.06 38.32 0.14
N ALA A 1211 -7.71 39.30 0.98
CA ALA A 1211 -7.80 39.15 2.44
C ALA A 1211 -7.13 37.85 2.94
N SER A 1212 -5.92 37.59 2.46
CA SER A 1212 -5.21 36.34 2.75
C SER A 1212 -3.89 36.56 3.50
N SER A 1213 -3.57 37.82 3.81
CA SER A 1213 -2.28 38.20 4.37
C SER A 1213 -1.13 37.93 3.38
N LYS A 1214 -1.47 37.68 2.11
CA LYS A 1214 -0.51 37.25 1.12
C LYS A 1214 -0.31 38.40 0.15
N LYS A 1215 0.92 38.90 0.11
CA LYS A 1215 1.26 40.06 -0.71
C LYS A 1215 1.81 39.57 -2.04
N TYR A 1216 1.34 40.20 -3.12
CA TYR A 1216 1.77 39.89 -4.47
C TYR A 1216 2.36 41.16 -5.02
N TYR A 1217 3.01 41.05 -6.16
CA TYR A 1217 3.58 42.21 -6.81
C TYR A 1217 2.89 42.32 -8.17
N ILE A 1218 2.05 43.35 -8.30
CA ILE A 1218 1.26 43.51 -9.50
C ILE A 1218 1.68 44.81 -10.18
N LEU A 1219 2.14 44.67 -11.41
CA LEU A 1219 2.58 45.80 -12.20
C LEU A 1219 1.39 46.63 -12.64
N PRO A 1220 1.63 47.75 -13.32
CA PRO A 1220 0.53 48.55 -13.87
C PRO A 1220 -0.35 47.90 -14.96
N ASN A 1221 0.19 46.97 -15.73
CA ASN A 1221 -0.62 46.28 -16.75
C ASN A 1221 -1.46 45.12 -16.17
N GLY A 1222 -1.35 44.92 -14.87
CA GLY A 1222 -2.08 43.85 -14.17
C GLY A 1222 -1.31 42.54 -14.00
N VAL A 1223 -0.06 42.53 -14.44
CA VAL A 1223 0.75 41.34 -14.39
C VAL A 1223 1.17 41.11 -12.97
N GLU A 1224 0.87 39.91 -12.52
CA GLU A 1224 1.20 39.45 -11.21
C GLU A 1224 2.46 38.58 -11.38
N ILE A 1225 3.61 39.14 -11.01
CA ILE A 1225 4.91 38.50 -11.30
C ILE A 1225 5.22 37.40 -10.33
N ARG A 1226 6.00 36.43 -10.83
CA ARG A 1226 6.27 35.19 -10.13
C ARG A 1226 7.67 34.69 -10.42
N ASN A 1227 8.23 34.00 -9.44
CA ASN A 1227 9.63 33.61 -9.47
C ASN A 1227 10.46 34.82 -9.81
N SER A 1228 10.39 35.86 -8.98
CA SER A 1228 10.94 37.14 -9.36
C SER A 1228 11.16 38.07 -8.21
N PHE A 1229 12.15 38.94 -8.38
CA PHE A 1229 12.42 40.01 -7.45
C PHE A 1229 11.64 41.27 -7.87
N GLY A 1230 11.09 41.99 -6.87
CA GLY A 1230 10.35 43.24 -7.11
C GLY A 1230 10.86 44.37 -6.23
N GLN A 1231 10.57 45.61 -6.62
CA GLN A 1231 11.03 46.77 -5.87
C GLN A 1231 9.99 47.79 -5.46
N ASP A 1232 10.22 48.25 -4.25
CA ASP A 1232 9.65 49.49 -3.75
C ASP A 1232 10.12 50.63 -4.62
N ILE A 1233 9.32 51.67 -4.69
CA ILE A 1233 9.79 52.96 -5.19
C ILE A 1233 10.83 53.51 -4.21
N GLN A 1234 10.73 53.08 -2.96
CA GLN A 1234 11.71 53.38 -1.91
C GLN A 1234 13.08 52.77 -2.14
N GLY A 1235 13.13 51.57 -2.67
CA GLY A 1235 14.40 50.92 -2.95
C GLY A 1235 14.57 49.55 -2.35
N ASN A 1236 13.59 49.07 -1.59
CA ASN A 1236 13.66 47.69 -1.05
C ASN A 1236 13.37 46.64 -2.11
N THR A 1237 13.89 45.44 -1.88
CA THR A 1237 13.72 44.32 -2.79
C THR A 1237 12.95 43.17 -2.10
N TYR A 1238 12.00 42.57 -2.81
CA TYR A 1238 11.26 41.39 -2.29
C TYR A 1238 11.35 40.28 -3.30
N TYR A 1239 11.18 39.04 -2.85
CA TYR A 1239 11.16 37.92 -3.78
C TYR A 1239 9.80 37.22 -3.74
N PHE A 1240 9.27 36.87 -4.92
CA PHE A 1240 7.95 36.28 -5.05
C PHE A 1240 8.06 34.89 -5.62
N ASP A 1241 7.61 33.91 -4.83
CA ASP A 1241 7.82 32.49 -5.12
C ASP A 1241 7.05 32.01 -6.36
N ALA A 1242 7.13 30.70 -6.61
CA ALA A 1242 6.44 30.06 -7.75
C ALA A 1242 4.96 30.37 -7.81
N ARG A 1243 4.33 30.48 -6.66
CA ARG A 1243 2.92 30.83 -6.57
C ARG A 1243 2.70 32.33 -6.49
N GLY A 1244 3.77 33.10 -6.73
CA GLY A 1244 3.68 34.55 -6.85
C GLY A 1244 3.65 35.30 -5.53
N GLU A 1245 3.63 34.53 -4.44
CA GLU A 1245 3.46 35.08 -3.10
C GLU A 1245 4.80 35.60 -2.60
N MET A 1246 4.75 36.70 -1.86
CA MET A 1246 5.96 37.26 -1.27
C MET A 1246 6.63 36.24 -0.33
N VAL A 1247 7.96 36.29 -0.29
CA VAL A 1247 8.75 35.42 0.57
C VAL A 1247 9.22 36.23 1.78
N THR A 1248 9.27 35.56 2.95
CA THR A 1248 9.62 36.20 4.24
C THR A 1248 10.41 35.31 5.20
N SER A 1249 11.37 35.92 5.89
CA SER A 1249 12.28 35.26 6.86
C SER A 1249 12.98 34.03 6.26
N GLN A 1250 13.57 34.20 5.07
CA GLN A 1250 14.15 33.09 4.34
C GLN A 1250 15.27 33.47 3.38
N TYR A 1251 16.09 32.47 3.08
CA TYR A 1251 17.21 32.62 2.16
C TYR A 1251 16.75 32.11 0.79
N ILE A 1252 17.18 32.81 -0.26
CA ILE A 1252 16.86 32.42 -1.65
C ILE A 1252 18.13 32.19 -2.46
N SER A 1253 18.16 30.99 -3.06
CA SER A 1253 19.25 30.56 -3.92
C SER A 1253 18.94 30.96 -5.36
N ASP A 1254 19.88 31.65 -5.98
CA ASP A 1254 19.75 32.15 -7.35
C ASP A 1254 20.35 31.10 -8.30
N ASP A 1255 19.91 31.14 -9.56
CA ASP A 1255 20.43 30.27 -10.64
C ASP A 1255 21.95 30.32 -10.75
N THR A 1256 22.52 31.51 -10.56
CA THR A 1256 23.97 31.72 -10.60
C THR A 1256 24.59 31.57 -9.21
N GLN A 1257 23.92 30.82 -8.32
CA GLN A 1257 24.42 30.53 -6.99
C GLN A 1257 24.59 31.76 -6.06
N ASN A 1258 23.82 32.82 -6.29
CA ASN A 1258 23.78 33.97 -5.38
C ASN A 1258 22.71 33.76 -4.30
N ILE A 1259 23.02 34.17 -3.08
CA ILE A 1259 22.13 33.94 -1.95
C ILE A 1259 21.57 35.25 -1.47
N TYR A 1260 20.25 35.27 -1.26
CA TYR A 1260 19.58 36.45 -0.74
C TYR A 1260 18.78 36.03 0.48
N TYR A 1261 18.72 36.91 1.48
CA TYR A 1261 17.90 36.69 2.65
C TYR A 1261 16.78 37.72 2.70
N PHE A 1262 15.57 37.26 3.04
CA PHE A 1262 14.40 38.11 3.15
C PHE A 1262 13.86 38.05 4.58
N ASN A 1263 13.63 39.23 5.19
CA ASN A 1263 13.20 39.36 6.60
C ASN A 1263 11.76 38.93 6.83
N ASN A 1264 11.31 38.91 8.08
CA ASN A 1264 9.89 38.60 8.38
C ASN A 1264 8.96 39.63 7.69
N ASP A 1265 9.42 40.88 7.71
CA ASP A 1265 8.80 41.99 6.99
C ASP A 1265 8.61 41.61 5.52
N GLY A 1266 9.60 40.93 4.95
CA GLY A 1266 9.60 40.51 3.55
C GLY A 1266 10.69 41.20 2.74
N THR A 1267 11.31 42.21 3.35
CA THR A 1267 12.39 42.98 2.74
C THR A 1267 13.62 42.08 2.63
N MET A 1268 14.50 42.36 1.66
CA MET A 1268 15.78 41.65 1.51
C MET A 1268 16.80 42.18 2.54
N ALA A 1269 17.65 41.29 3.07
CA ALA A 1269 18.49 41.59 4.25
C ALA A 1269 19.36 42.88 4.14
N LYS A 1270 20.12 43.05 3.06
CA LYS A 1270 20.84 44.30 2.81
C LYS A 1270 21.45 44.36 1.42
C1 GLC B . -0.50 -8.02 5.21
C2 GLC B . -0.74 -9.38 4.55
C3 GLC B . -0.19 -9.31 3.13
C4 GLC B . -0.86 -8.22 2.32
C5 GLC B . -1.11 -6.92 3.11
C6 GLC B . -2.39 -6.26 2.61
O2 GLC B . -0.09 -10.41 5.29
O3 GLC B . -0.37 -10.55 2.42
O4 GLC B . -0.01 -7.99 1.17
O5 GLC B . -1.30 -7.06 4.53
O6 GLC B . -3.53 -6.87 3.25
C1 FRU B . 0.74 -5.83 6.76
C2 FRU B . 1.50 -6.53 5.61
C3 FRU B . 2.93 -6.88 6.03
C4 FRU B . 3.76 -6.56 4.80
C5 FRU B . 2.93 -5.59 3.98
C6 FRU B . 3.04 -5.85 2.48
O1 FRU B . 0.73 -6.63 7.96
O2 FRU B . 0.92 -7.75 5.14
O3 FRU B . 3.10 -8.26 6.44
O4 FRU B . 5.00 -5.96 5.19
O5 FRU B . 1.59 -5.68 4.46
O6 FRU B . 2.34 -7.05 2.14
CA CA C . -6.59 1.19 7.56
#